data_4RAB
#
_entry.id   4RAB
#
_cell.length_a   55.728
_cell.length_b   128.958
_cell.length_c   62.938
_cell.angle_alpha   90.00
_cell.angle_beta   103.04
_cell.angle_gamma   90.00
#
_symmetry.space_group_name_H-M   'P 1 21 1'
#
loop_
_entity.id
_entity.type
_entity.pdbx_description
1 polymer 'Hypoxanthine-guanine phosphoribosyltransferase'
2 non-polymer '[(E)-2-(2-{[2-(2-amino-8-bromo-6-oxo-1,6-dihydro-9H-purin-9-yl)ethyl][(E)-2-phosphonoethenyl]amino}ethoxy)ethenyl]phosphonic acid'
3 non-polymer 'MAGNESIUM ION'
4 non-polymer 'PHOSPHATE ION'
5 water water
#
_entity_poly.entity_id   1
_entity_poly.type   'polypeptide(L)'
_entity_poly.pdbx_seq_one_letter_code
;ATRSPGVVISDDEPGYDLDLFCIPNHYAEDLERVFIPHGLIMDRTERLARDVMKEMGGHHIVALCVLKGGYKFFADLLDY
IKALNRNSDRSIPMTVDFIRLKSYCNDQSTGDIKVIGGDDLSTLTGKNVLIVEDIIDTGKTMQTLLSLVRQYNPKMVKVA
SLLVKRTPRSVGYKPDFVGFEIPDKFVVGYALDYNEYFRDLNHVCVISETGKAKYKA
;
_entity_poly.pdbx_strand_id   A,B,C,D
#
# COMPACT_ATOMS: atom_id res chain seq x y z
N PRO A 5 24.53 -7.18 6.23
CA PRO A 5 24.57 -8.64 6.03
C PRO A 5 23.28 -9.20 5.43
N GLY A 6 22.14 -8.68 5.86
CA GLY A 6 20.86 -9.03 5.25
C GLY A 6 20.20 -10.27 5.83
N VAL A 7 19.01 -10.57 5.32
CA VAL A 7 18.26 -11.73 5.77
C VAL A 7 18.88 -12.99 5.17
N VAL A 8 19.36 -13.88 6.04
CA VAL A 8 20.05 -15.09 5.59
C VAL A 8 19.06 -16.21 5.25
N ILE A 9 18.96 -16.56 3.98
CA ILE A 9 18.16 -17.69 3.55
C ILE A 9 19.07 -18.92 3.34
N SER A 10 18.83 -19.96 4.12
CA SER A 10 19.72 -21.13 4.13
C SER A 10 19.60 -21.99 2.87
N ASP A 11 20.59 -22.86 2.66
CA ASP A 11 20.61 -23.73 1.49
C ASP A 11 19.46 -24.74 1.48
N ASP A 12 18.94 -25.07 2.65
CA ASP A 12 17.87 -26.05 2.75
C ASP A 12 16.46 -25.45 2.78
N GLU A 13 16.37 -24.14 2.58
CA GLU A 13 15.09 -23.45 2.57
C GLU A 13 14.17 -23.98 1.48
N PRO A 14 13.02 -24.55 1.88
CA PRO A 14 12.07 -25.18 0.97
C PRO A 14 11.27 -24.16 0.16
N GLY A 15 11.15 -22.93 0.65
CA GLY A 15 10.31 -21.95 0.00
C GLY A 15 8.85 -22.27 0.24
N TYR A 16 7.96 -21.69 -0.56
CA TYR A 16 6.52 -21.86 -0.33
C TYR A 16 5.77 -22.48 -1.49
N ASP A 17 4.74 -23.27 -1.15
CA ASP A 17 3.80 -23.83 -2.11
C ASP A 17 3.12 -22.69 -2.88
N LEU A 18 3.13 -22.77 -4.20
CA LEU A 18 2.54 -21.73 -5.05
C LEU A 18 1.06 -21.53 -4.77
N ASP A 19 0.38 -22.62 -4.38
CA ASP A 19 -1.06 -22.59 -4.15
C ASP A 19 -1.44 -21.76 -2.94
N LEU A 20 -0.44 -21.38 -2.14
CA LEU A 20 -0.67 -20.58 -0.94
C LEU A 20 -0.67 -19.09 -1.24
N PHE A 21 -0.32 -18.72 -2.47
CA PHE A 21 -0.24 -17.31 -2.83
C PHE A 21 -0.96 -16.98 -4.14
N CYS A 22 -1.14 -15.69 -4.38
CA CYS A 22 -1.63 -15.21 -5.67
C CYS A 22 -0.47 -15.17 -6.67
N ILE A 23 -0.59 -15.97 -7.73
CA ILE A 23 0.46 -16.11 -8.73
C ILE A 23 -0.16 -15.78 -10.09
N PRO A 24 0.55 -15.01 -10.94
CA PRO A 24 -0.01 -14.72 -12.27
C PRO A 24 -0.29 -16.00 -13.04
N ASN A 25 -1.45 -16.08 -13.67
CA ASN A 25 -1.94 -17.30 -14.30
C ASN A 25 -0.98 -17.91 -15.32
N HIS A 26 -0.33 -17.06 -16.10
CA HIS A 26 0.50 -17.52 -17.22
C HIS A 26 1.83 -18.11 -16.77
N TYR A 27 2.11 -18.08 -15.46
CA TYR A 27 3.34 -18.64 -14.92
C TYR A 27 3.07 -19.82 -13.99
N ALA A 28 1.81 -20.26 -13.93
CA ALA A 28 1.37 -21.27 -12.97
C ALA A 28 2.18 -22.58 -13.03
N GLU A 29 2.51 -23.04 -14.23
CA GLU A 29 3.30 -24.26 -14.37
C GLU A 29 4.77 -23.99 -14.69
N ASP A 30 5.14 -22.71 -14.73
CA ASP A 30 6.50 -22.31 -15.04
C ASP A 30 7.34 -22.07 -13.79
N LEU A 31 6.69 -22.05 -12.63
CA LEU A 31 7.36 -21.83 -11.35
C LEU A 31 7.28 -23.10 -10.50
N GLU A 32 8.26 -23.30 -9.63
CA GLU A 32 8.26 -24.47 -8.74
C GLU A 32 7.84 -24.12 -7.32
N ARG A 33 8.45 -23.07 -6.77
CA ARG A 33 8.14 -22.62 -5.41
C ARG A 33 8.24 -21.09 -5.33
N VAL A 34 7.52 -20.48 -4.40
CA VAL A 34 7.80 -19.09 -4.05
C VAL A 34 9.01 -19.09 -3.13
N PHE A 35 10.05 -18.35 -3.50
CA PHE A 35 11.28 -18.33 -2.69
C PHE A 35 11.26 -17.21 -1.66
N ILE A 36 11.03 -15.98 -2.12
CA ILE A 36 10.88 -14.84 -1.21
C ILE A 36 9.60 -14.09 -1.55
N PRO A 37 8.61 -14.14 -0.64
CA PRO A 37 7.31 -13.48 -0.83
C PRO A 37 7.46 -11.97 -1.02
N HIS A 38 6.65 -11.40 -1.90
CA HIS A 38 6.70 -9.97 -2.21
C HIS A 38 6.71 -9.08 -0.97
N GLY A 39 5.84 -9.40 -0.02
CA GLY A 39 5.70 -8.59 1.18
C GLY A 39 6.91 -8.67 2.10
N LEU A 40 7.58 -9.81 2.12
CA LEU A 40 8.79 -9.96 2.91
C LEU A 40 9.88 -9.05 2.34
N ILE A 41 9.93 -8.94 1.02
CA ILE A 41 10.85 -8.03 0.37
C ILE A 41 10.55 -6.58 0.76
N MET A 42 9.26 -6.24 0.80
CA MET A 42 8.84 -4.89 1.18
C MET A 42 9.27 -4.55 2.61
N ASP A 43 9.02 -5.48 3.53
CA ASP A 43 9.42 -5.31 4.92
C ASP A 43 10.92 -5.13 5.08
N ARG A 44 11.70 -5.93 4.36
CA ARG A 44 13.16 -5.81 4.41
C ARG A 44 13.61 -4.48 3.82
N THR A 45 12.99 -4.09 2.71
CA THR A 45 13.32 -2.85 2.03
C THR A 45 13.01 -1.62 2.89
N GLU A 46 11.96 -1.70 3.71
CA GLU A 46 11.63 -0.59 4.58
C GLU A 46 12.77 -0.33 5.56
N ARG A 47 13.34 -1.41 6.10
CA ARG A 47 14.45 -1.30 7.04
C ARG A 47 15.71 -0.80 6.33
N LEU A 48 15.92 -1.28 5.11
CA LEU A 48 17.08 -0.86 4.32
C LEU A 48 17.02 0.62 4.03
N ALA A 49 15.82 1.13 3.74
CA ALA A 49 15.65 2.55 3.47
C ALA A 49 16.12 3.39 4.65
N ARG A 50 15.78 2.95 5.85
CA ARG A 50 16.20 3.65 7.06
C ARG A 50 17.72 3.56 7.24
N ASP A 51 18.28 2.39 6.93
CA ASP A 51 19.72 2.20 7.03
C ASP A 51 20.44 3.13 6.04
N VAL A 52 19.88 3.26 4.84
CA VAL A 52 20.47 4.11 3.82
C VAL A 52 20.52 5.58 4.26
N MET A 53 19.42 6.07 4.83
CA MET A 53 19.34 7.46 5.27
C MET A 53 20.22 7.78 6.48
N LYS A 54 20.41 6.80 7.35
CA LYS A 54 21.32 6.96 8.48
C LYS A 54 22.75 7.16 7.96
N GLU A 55 23.09 6.42 6.92
CA GLU A 55 24.45 6.44 6.38
C GLU A 55 24.66 7.57 5.37
N MET A 56 23.66 7.84 4.53
CA MET A 56 23.86 8.71 3.38
C MET A 56 23.02 9.98 3.39
N GLY A 57 22.25 10.19 4.46
CA GLY A 57 21.31 11.30 4.50
C GLY A 57 21.90 12.67 4.74
N GLY A 58 23.22 12.74 4.95
CA GLY A 58 23.87 14.00 5.27
C GLY A 58 24.11 14.92 4.10
N HIS A 59 23.95 14.41 2.88
CA HIS A 59 24.20 15.21 1.68
C HIS A 59 23.42 14.67 0.48
N HIS A 60 23.19 15.55 -0.50
CA HIS A 60 22.49 15.22 -1.74
C HIS A 60 22.82 13.82 -2.26
N ILE A 61 21.78 13.03 -2.47
CA ILE A 61 21.92 11.66 -2.94
C ILE A 61 21.54 11.53 -4.40
N VAL A 62 22.43 10.96 -5.21
CA VAL A 62 22.09 10.51 -6.56
C VAL A 62 21.79 9.01 -6.50
N ALA A 63 20.54 8.65 -6.71
CA ALA A 63 20.16 7.25 -6.74
C ALA A 63 20.32 6.69 -8.16
N LEU A 64 21.17 5.68 -8.29
CA LEU A 64 21.54 5.14 -9.60
C LEU A 64 21.00 3.72 -9.78
N CYS A 65 19.99 3.57 -10.65
CA CYS A 65 19.36 2.27 -10.89
C CYS A 65 20.08 1.51 -12.01
N VAL A 66 20.49 0.27 -11.71
CA VAL A 66 21.05 -0.60 -12.74
C VAL A 66 19.93 -1.41 -13.40
N LEU A 67 19.52 -0.99 -14.58
CA LEU A 67 18.47 -1.66 -15.34
C LEU A 67 18.99 -2.99 -15.90
N LYS A 68 18.12 -3.96 -16.16
CA LYS A 68 16.66 -3.85 -15.97
C LYS A 68 16.21 -4.40 -14.63
N GLY A 69 16.96 -5.37 -14.10
CA GLY A 69 16.52 -6.11 -12.93
C GLY A 69 16.42 -5.29 -11.66
N GLY A 70 17.12 -4.17 -11.61
CA GLY A 70 17.10 -3.35 -10.40
C GLY A 70 15.90 -2.44 -10.27
N TYR A 71 15.11 -2.32 -11.34
CA TYR A 71 14.06 -1.30 -11.42
C TYR A 71 12.98 -1.39 -10.33
N LYS A 72 12.57 -2.60 -9.98
CA LYS A 72 11.55 -2.80 -8.96
C LYS A 72 12.05 -2.45 -7.56
N PHE A 73 13.19 -3.03 -7.21
CA PHE A 73 13.85 -2.76 -5.93
C PHE A 73 14.14 -1.28 -5.81
N PHE A 74 14.60 -0.69 -6.91
CA PHE A 74 14.90 0.73 -6.98
C PHE A 74 13.67 1.59 -6.65
N ALA A 75 12.56 1.29 -7.32
CA ALA A 75 11.35 2.08 -7.15
C ALA A 75 10.79 1.98 -5.72
N ASP A 76 10.79 0.77 -5.18
CA ASP A 76 10.27 0.54 -3.83
C ASP A 76 11.19 1.10 -2.73
N LEU A 77 12.50 1.00 -2.94
CA LEU A 77 13.46 1.53 -1.98
C LEU A 77 13.32 3.05 -1.91
N LEU A 78 13.18 3.68 -3.08
CA LEU A 78 13.00 5.12 -3.14
C LEU A 78 11.66 5.57 -2.55
N ASP A 79 10.61 4.76 -2.70
CA ASP A 79 9.32 5.08 -2.11
C ASP A 79 9.41 5.11 -0.59
N TYR A 80 10.12 4.13 -0.02
CA TYR A 80 10.32 4.08 1.42
C TYR A 80 11.20 5.23 1.92
N ILE A 81 12.22 5.59 1.16
CA ILE A 81 13.07 6.72 1.49
C ILE A 81 12.27 8.03 1.46
N LYS A 82 11.38 8.16 0.47
CA LYS A 82 10.55 9.34 0.35
C LYS A 82 9.57 9.46 1.51
N ALA A 83 9.04 8.32 1.96
CA ALA A 83 8.15 8.29 3.13
C ALA A 83 8.86 8.81 4.38
N LEU A 84 10.12 8.41 4.57
CA LEU A 84 10.93 8.92 5.67
C LEU A 84 11.13 10.43 5.55
N ASN A 85 11.39 10.89 4.33
CA ASN A 85 11.74 12.29 4.09
C ASN A 85 10.58 13.28 4.24
N ARG A 86 9.35 12.78 4.15
CA ARG A 86 8.18 13.66 4.27
C ARG A 86 7.46 13.50 5.62
N ASN A 87 8.02 12.66 6.49
CA ASN A 87 7.37 12.34 7.77
C ASN A 87 8.33 12.41 8.96
N SER A 88 9.48 13.04 8.73
CA SER A 88 10.56 13.14 9.71
C SER A 88 11.54 14.03 8.99
N ASP A 89 11.46 15.33 9.26
CA ASP A 89 11.96 16.31 8.31
C ASP A 89 12.64 17.55 8.91
N ARG A 90 13.98 17.62 8.93
CA ARG A 90 14.95 16.54 8.71
C ARG A 90 14.96 15.75 7.37
N SER A 91 15.44 16.35 6.29
CA SER A 91 15.53 15.62 5.01
C SER A 91 16.56 16.15 4.00
N ILE A 92 16.82 15.33 2.97
CA ILE A 92 17.82 15.66 1.94
C ILE A 92 17.24 15.43 0.53
N PRO A 93 17.52 16.36 -0.40
CA PRO A 93 17.13 16.18 -1.80
C PRO A 93 17.79 14.95 -2.44
N MET A 94 17.08 14.32 -3.36
CA MET A 94 17.60 13.17 -4.08
C MET A 94 17.32 13.28 -5.57
N THR A 95 18.32 12.97 -6.39
CA THR A 95 18.15 12.88 -7.83
C THR A 95 18.30 11.42 -8.26
N VAL A 96 17.84 11.12 -9.47
CA VAL A 96 17.88 9.75 -9.96
C VAL A 96 18.45 9.67 -11.36
N ASP A 97 19.10 8.55 -11.65
CA ASP A 97 19.53 8.27 -13.02
C ASP A 97 19.47 6.76 -13.23
N PHE A 98 19.52 6.35 -14.50
CA PHE A 98 19.37 4.95 -14.85
C PHE A 98 20.50 4.56 -15.81
N ILE A 99 21.07 3.39 -15.62
CA ILE A 99 22.09 2.88 -16.54
C ILE A 99 21.90 1.40 -16.82
N ARG A 100 22.30 0.99 -18.02
CA ARG A 100 22.33 -0.42 -18.39
C ARG A 100 23.78 -0.81 -18.62
N LEU A 101 24.13 -2.02 -18.21
CA LEU A 101 25.50 -2.51 -18.38
C LEU A 101 25.58 -3.56 -19.49
N LYS A 102 26.37 -3.28 -20.51
CA LYS A 102 26.53 -4.20 -21.63
C LYS A 102 27.93 -4.81 -21.63
N SER A 103 27.99 -6.14 -21.51
CA SER A 103 29.27 -6.84 -21.51
C SER A 103 29.64 -7.35 -22.91
N ASP A 119 23.17 9.59 -17.64
CA ASP A 119 23.69 10.93 -17.87
C ASP A 119 25.22 10.95 -17.82
N ASP A 120 25.82 12.08 -18.19
CA ASP A 120 27.26 12.24 -18.10
C ASP A 120 27.72 11.96 -16.68
N LEU A 121 28.71 11.09 -16.53
CA LEU A 121 29.12 10.66 -15.19
C LEU A 121 29.82 11.76 -14.38
N SER A 122 29.91 12.96 -14.95
CA SER A 122 30.40 14.12 -14.22
C SER A 122 29.33 14.62 -13.25
N THR A 123 28.07 14.25 -13.49
CA THR A 123 26.97 14.65 -12.62
C THR A 123 27.06 13.96 -11.26
N LEU A 124 27.89 12.91 -11.19
CA LEU A 124 28.08 12.16 -9.97
C LEU A 124 29.07 12.83 -9.01
N THR A 125 29.87 13.75 -9.55
CA THR A 125 30.93 14.41 -8.79
C THR A 125 30.40 15.15 -7.56
N GLY A 126 31.07 14.94 -6.43
CA GLY A 126 30.73 15.63 -5.19
C GLY A 126 29.40 15.25 -4.57
N LYS A 127 28.83 14.13 -5.01
CA LYS A 127 27.54 13.71 -4.47
C LYS A 127 27.58 12.32 -3.83
N ASN A 128 26.58 12.04 -3.00
CA ASN A 128 26.43 10.72 -2.41
C ASN A 128 25.73 9.78 -3.37
N VAL A 129 26.49 8.92 -4.02
CA VAL A 129 25.93 8.03 -5.04
C VAL A 129 25.53 6.68 -4.43
N LEU A 130 24.26 6.34 -4.57
CA LEU A 130 23.77 5.03 -4.16
C LEU A 130 23.42 4.22 -5.40
N ILE A 131 24.19 3.17 -5.64
CA ILE A 131 23.92 2.27 -6.75
C ILE A 131 22.96 1.18 -6.30
N VAL A 132 21.86 1.01 -7.03
CA VAL A 132 20.83 0.04 -6.67
C VAL A 132 20.79 -1.13 -7.64
N GLU A 133 21.02 -2.33 -7.11
CA GLU A 133 21.17 -3.52 -7.94
C GLU A 133 20.21 -4.63 -7.50
N ASP A 134 19.80 -5.47 -8.44
CA ASP A 134 18.92 -6.58 -8.11
C ASP A 134 19.68 -7.72 -7.42
N ILE A 135 20.80 -8.11 -8.00
CA ILE A 135 21.54 -9.28 -7.53
C ILE A 135 23.05 -9.17 -7.74
N ILE A 136 23.80 -9.66 -6.75
CA ILE A 136 25.24 -9.75 -6.86
C ILE A 136 25.66 -11.21 -6.71
N ASP A 137 26.45 -11.71 -7.67
CA ASP A 137 26.88 -13.10 -7.67
C ASP A 137 28.39 -13.17 -7.42
N THR A 138 29.18 -13.01 -8.48
CA THR A 138 30.63 -12.93 -8.31
C THR A 138 31.01 -11.57 -7.73
N GLY A 139 30.28 -10.53 -8.11
CA GLY A 139 30.60 -9.18 -7.67
C GLY A 139 31.49 -8.44 -8.65
N LYS A 140 31.80 -9.10 -9.78
CA LYS A 140 32.65 -8.52 -10.81
C LYS A 140 31.97 -7.34 -11.51
N THR A 141 30.69 -7.52 -11.85
CA THR A 141 29.89 -6.45 -12.45
C THR A 141 29.93 -5.18 -11.60
N MET A 142 29.71 -5.35 -10.30
CA MET A 142 29.69 -4.20 -9.40
C MET A 142 31.07 -3.57 -9.23
N GLN A 143 32.10 -4.42 -9.12
CA GLN A 143 33.46 -3.91 -9.01
C GLN A 143 33.81 -3.12 -10.27
N THR A 144 33.36 -3.63 -11.42
CA THR A 144 33.59 -2.96 -12.69
C THR A 144 32.90 -1.61 -12.73
N LEU A 145 31.62 -1.57 -12.37
CA LEU A 145 30.86 -0.34 -12.34
C LEU A 145 31.44 0.67 -11.34
N LEU A 146 31.85 0.19 -10.18
CA LEU A 146 32.44 1.05 -9.15
C LEU A 146 33.72 1.74 -9.63
N SER A 147 34.55 1.00 -10.36
CA SER A 147 35.82 1.53 -10.85
C SER A 147 35.60 2.64 -11.88
N LEU A 148 34.47 2.58 -12.57
CA LEU A 148 34.11 3.61 -13.53
C LEU A 148 33.54 4.84 -12.82
N VAL A 149 32.64 4.60 -11.87
CA VAL A 149 32.05 5.68 -11.08
C VAL A 149 33.10 6.49 -10.32
N ARG A 150 34.05 5.80 -9.70
CA ARG A 150 35.04 6.44 -8.84
C ARG A 150 36.04 7.30 -9.62
N GLN A 151 36.07 7.14 -10.94
CA GLN A 151 36.87 8.01 -11.81
C GLN A 151 36.35 9.45 -11.72
N TYR A 152 35.06 9.59 -11.41
CA TYR A 152 34.41 10.89 -11.45
C TYR A 152 34.25 11.53 -10.08
N ASN A 153 34.96 10.99 -9.10
CA ASN A 153 35.04 11.54 -7.76
C ASN A 153 33.71 11.91 -7.12
N PRO A 154 32.90 10.91 -6.76
CA PRO A 154 31.74 11.23 -5.95
C PRO A 154 32.21 11.47 -4.51
N LYS A 155 31.40 12.15 -3.71
CA LYS A 155 31.75 12.33 -2.30
C LYS A 155 31.74 10.99 -1.60
N MET A 156 30.85 10.11 -2.07
CA MET A 156 30.61 8.82 -1.44
C MET A 156 29.94 7.89 -2.46
N VAL A 157 30.33 6.62 -2.48
CA VAL A 157 29.62 5.61 -3.26
C VAL A 157 29.21 4.46 -2.36
N LYS A 158 27.93 4.10 -2.42
CA LYS A 158 27.41 2.95 -1.70
C LYS A 158 26.60 2.11 -2.66
N VAL A 159 26.51 0.82 -2.37
CA VAL A 159 25.77 -0.11 -3.21
C VAL A 159 24.71 -0.83 -2.39
N ALA A 160 23.46 -0.75 -2.84
CA ALA A 160 22.39 -1.52 -2.24
C ALA A 160 22.01 -2.64 -3.20
N SER A 161 22.08 -3.87 -2.71
CA SER A 161 21.69 -5.01 -3.53
C SER A 161 20.59 -5.80 -2.84
N LEU A 162 19.50 -6.06 -3.56
CA LEU A 162 18.39 -6.82 -3.01
C LEU A 162 18.84 -8.23 -2.63
N LEU A 163 19.54 -8.88 -3.55
CA LEU A 163 20.01 -10.24 -3.33
C LEU A 163 21.53 -10.32 -3.43
N VAL A 164 22.12 -11.14 -2.56
CA VAL A 164 23.54 -11.47 -2.65
C VAL A 164 23.65 -12.99 -2.56
N LYS A 165 24.30 -13.60 -3.55
CA LYS A 165 24.42 -15.05 -3.55
C LYS A 165 25.58 -15.53 -2.67
N ARG A 166 25.32 -16.55 -1.87
CA ARG A 166 26.39 -17.25 -1.18
C ARG A 166 27.04 -18.18 -2.18
N THR A 167 28.32 -17.93 -2.48
CA THR A 167 29.04 -18.72 -3.44
C THR A 167 30.54 -18.50 -3.27
N PRO A 168 31.32 -19.59 -3.29
CA PRO A 168 32.78 -19.46 -3.28
C PRO A 168 33.30 -18.76 -4.54
N ARG A 169 32.43 -18.60 -5.53
CA ARG A 169 32.78 -17.86 -6.75
C ARG A 169 32.82 -16.35 -6.50
N SER A 170 32.41 -15.93 -5.31
CA SER A 170 32.53 -14.52 -4.93
C SER A 170 33.99 -14.10 -4.95
N VAL A 171 34.25 -12.95 -5.57
CA VAL A 171 35.62 -12.44 -5.66
C VAL A 171 36.01 -11.76 -4.36
N GLY A 172 35.01 -11.50 -3.52
CA GLY A 172 35.25 -10.91 -2.22
C GLY A 172 34.51 -9.61 -1.99
N TYR A 173 33.92 -9.06 -3.05
CA TYR A 173 33.22 -7.79 -2.92
C TYR A 173 31.93 -7.90 -2.11
N LYS A 174 31.80 -7.07 -1.08
CA LYS A 174 30.58 -7.02 -0.27
C LYS A 174 29.90 -5.67 -0.46
N PRO A 175 28.61 -5.67 -0.83
CA PRO A 175 27.87 -4.41 -0.95
C PRO A 175 27.57 -3.81 0.43
N ASP A 176 27.11 -2.56 0.46
CA ASP A 176 26.91 -1.86 1.73
C ASP A 176 25.54 -2.19 2.32
N PHE A 177 24.54 -2.33 1.46
CA PHE A 177 23.20 -2.64 1.89
C PHE A 177 22.70 -3.90 1.19
N VAL A 178 22.36 -4.92 1.97
CA VAL A 178 21.92 -6.20 1.42
C VAL A 178 20.53 -6.58 1.90
N GLY A 179 19.62 -6.86 0.95
CA GLY A 179 18.30 -7.34 1.30
C GLY A 179 18.36 -8.75 1.84
N PHE A 180 18.74 -9.69 0.96
CA PHE A 180 18.76 -11.10 1.32
C PHE A 180 20.03 -11.79 0.85
N GLU A 181 20.60 -12.63 1.69
CA GLU A 181 21.69 -13.51 1.29
C GLU A 181 21.10 -14.89 0.98
N ILE A 182 21.17 -15.30 -0.28
CA ILE A 182 20.47 -16.50 -0.74
C ILE A 182 21.45 -17.59 -1.18
N PRO A 183 20.99 -18.86 -1.22
CA PRO A 183 21.88 -19.92 -1.72
C PRO A 183 22.18 -19.77 -3.21
N ASP A 184 23.07 -20.62 -3.72
CA ASP A 184 23.37 -20.59 -5.14
C ASP A 184 22.27 -21.27 -5.96
N LYS A 185 21.14 -20.60 -6.09
CA LYS A 185 20.01 -21.05 -6.90
C LYS A 185 19.68 -19.96 -7.92
N PHE A 186 19.17 -20.35 -9.08
CA PHE A 186 18.66 -19.36 -10.03
C PHE A 186 17.26 -18.95 -9.62
N VAL A 187 17.07 -17.66 -9.35
CA VAL A 187 15.78 -17.12 -8.94
C VAL A 187 15.24 -16.11 -9.95
N VAL A 188 13.92 -16.00 -10.02
CA VAL A 188 13.27 -15.05 -10.92
C VAL A 188 12.21 -14.28 -10.13
N GLY A 189 11.68 -13.22 -10.72
CA GLY A 189 10.62 -12.45 -10.09
C GLY A 189 11.13 -11.15 -9.48
N TYR A 190 10.21 -10.24 -9.17
CA TYR A 190 10.56 -8.92 -8.67
C TYR A 190 11.58 -8.25 -9.62
N ALA A 191 11.26 -8.28 -10.92
CA ALA A 191 12.08 -7.71 -12.00
C ALA A 191 13.28 -8.55 -12.45
N LEU A 192 13.58 -9.62 -11.71
CA LEU A 192 14.63 -10.55 -12.14
C LEU A 192 14.10 -11.49 -13.23
N ASP A 193 14.87 -11.66 -14.30
CA ASP A 193 14.36 -12.34 -15.49
C ASP A 193 15.02 -13.67 -15.83
N TYR A 194 14.33 -14.43 -16.67
CA TYR A 194 14.92 -15.57 -17.34
C TYR A 194 14.63 -15.41 -18.82
N ASN A 195 15.63 -14.98 -19.58
CA ASN A 195 15.46 -14.61 -20.99
C ASN A 195 14.29 -13.64 -21.18
N GLU A 196 14.29 -12.59 -20.34
CA GLU A 196 13.30 -11.51 -20.37
C GLU A 196 11.91 -11.86 -19.83
N TYR A 197 11.74 -13.08 -19.33
CA TYR A 197 10.49 -13.49 -18.70
C TYR A 197 10.57 -13.43 -17.18
N PHE A 198 9.40 -13.44 -16.53
CA PHE A 198 9.27 -13.42 -15.06
C PHE A 198 9.55 -12.08 -14.39
N ARG A 199 9.72 -11.02 -15.17
CA ARG A 199 9.88 -9.69 -14.58
C ARG A 199 8.53 -9.20 -14.08
N ASP A 200 7.46 -9.63 -14.76
CA ASP A 200 6.09 -9.26 -14.39
C ASP A 200 5.56 -10.20 -13.32
N LEU A 201 6.29 -10.28 -12.20
CA LEU A 201 5.98 -11.19 -11.11
C LEU A 201 6.47 -10.53 -9.82
N ASN A 202 5.60 -10.41 -8.82
CA ASN A 202 5.92 -9.68 -7.60
CA ASN A 202 5.92 -9.68 -7.60
C ASN A 202 6.76 -10.47 -6.58
N HIS A 203 6.66 -11.79 -6.62
CA HIS A 203 7.44 -12.63 -5.72
C HIS A 203 8.77 -13.01 -6.35
N VAL A 204 9.78 -13.26 -5.53
CA VAL A 204 11.00 -13.91 -6.00
C VAL A 204 10.75 -15.40 -5.91
N CYS A 205 10.91 -16.12 -7.02
CA CYS A 205 10.59 -17.54 -7.05
C CYS A 205 11.66 -18.37 -7.74
N VAL A 206 11.59 -19.68 -7.58
CA VAL A 206 12.47 -20.59 -8.30
C VAL A 206 11.73 -21.18 -9.50
N ILE A 207 12.39 -21.22 -10.66
CA ILE A 207 11.77 -21.66 -11.90
C ILE A 207 11.64 -23.19 -11.97
N SER A 208 10.52 -23.66 -12.52
CA SER A 208 10.32 -25.10 -12.70
C SER A 208 10.98 -25.58 -13.98
N GLU A 209 11.15 -26.88 -14.12
CA GLU A 209 11.77 -27.46 -15.31
C GLU A 209 10.97 -27.15 -16.56
N THR A 210 9.65 -27.23 -16.44
CA THR A 210 8.74 -26.89 -17.54
C THR A 210 8.96 -25.47 -18.04
N GLY A 211 9.00 -24.52 -17.11
CA GLY A 211 9.23 -23.13 -17.46
C GLY A 211 10.63 -22.88 -17.98
N LYS A 212 11.59 -23.67 -17.50
CA LYS A 212 13.00 -23.48 -17.85
C LYS A 212 13.26 -23.85 -19.31
N ALA A 213 12.39 -24.67 -19.90
CA ALA A 213 12.54 -25.09 -21.30
C ALA A 213 11.50 -24.48 -22.26
N LYS A 214 10.59 -23.66 -21.71
CA LYS A 214 9.58 -23.00 -22.54
C LYS A 214 10.02 -21.60 -22.97
N TYR A 215 10.86 -20.97 -22.14
CA TYR A 215 11.27 -19.59 -22.34
C TYR A 215 12.73 -19.45 -22.76
N LYS A 216 13.36 -20.57 -23.08
CA LYS A 216 14.74 -20.58 -23.58
C LYS A 216 14.75 -20.24 -25.06
N SER B 4 -7.17 -26.76 2.85
CA SER B 4 -5.86 -26.16 3.04
C SER B 4 -5.59 -25.84 4.51
N PRO B 5 -4.45 -26.33 5.04
CA PRO B 5 -4.04 -26.03 6.41
C PRO B 5 -3.34 -24.68 6.50
N GLY B 6 -3.21 -23.99 5.37
CA GLY B 6 -2.57 -22.69 5.34
C GLY B 6 -1.06 -22.80 5.25
N VAL B 7 -0.36 -21.68 5.37
CA VAL B 7 1.10 -21.69 5.37
C VAL B 7 1.61 -22.35 6.65
N VAL B 8 2.20 -23.54 6.53
CA VAL B 8 2.71 -24.23 7.70
C VAL B 8 4.06 -23.69 8.16
N ILE B 9 4.09 -23.11 9.36
CA ILE B 9 5.32 -22.67 9.99
C ILE B 9 5.74 -23.76 10.97
N SER B 10 6.90 -24.38 10.72
CA SER B 10 7.32 -25.56 11.48
C SER B 10 7.73 -25.24 12.92
N ASP B 11 7.81 -26.27 13.75
CA ASP B 11 8.13 -26.11 15.16
C ASP B 11 9.53 -25.55 15.40
N ASP B 12 10.46 -25.85 14.50
CA ASP B 12 11.84 -25.38 14.63
C ASP B 12 12.10 -24.06 13.91
N GLU B 13 11.04 -23.37 13.51
CA GLU B 13 11.15 -22.05 12.89
C GLU B 13 11.87 -21.07 13.82
N PRO B 14 13.02 -20.55 13.36
CA PRO B 14 13.84 -19.66 14.19
C PRO B 14 13.32 -18.22 14.16
N GLY B 15 12.50 -17.89 13.17
CA GLY B 15 12.07 -16.51 12.99
C GLY B 15 13.20 -15.63 12.50
N TYR B 16 12.97 -14.32 12.51
CA TYR B 16 13.98 -13.39 12.02
C TYR B 16 14.50 -12.45 13.10
N ASP B 17 15.77 -12.08 12.98
CA ASP B 17 16.38 -11.08 13.86
C ASP B 17 15.61 -9.78 13.74
N LEU B 18 15.31 -9.16 14.88
CA LEU B 18 14.56 -7.91 14.91
C LEU B 18 15.26 -6.80 14.13
N ASP B 19 16.59 -6.86 14.10
CA ASP B 19 17.39 -5.78 13.52
C ASP B 19 17.33 -5.72 11.99
N LEU B 20 16.75 -6.76 11.39
CA LEU B 20 16.59 -6.81 9.95
C LEU B 20 15.30 -6.14 9.52
N PHE B 21 14.49 -5.75 10.50
CA PHE B 21 13.19 -5.14 10.23
C PHE B 21 13.02 -3.79 10.95
N CYS B 22 12.07 -3.01 10.46
CA CYS B 22 11.67 -1.78 11.12
C CYS B 22 10.73 -2.16 12.26
N ILE B 23 11.11 -1.81 13.48
CA ILE B 23 10.36 -2.21 14.67
C ILE B 23 10.25 -1.05 15.66
N PRO B 24 9.05 -0.86 16.25
CA PRO B 24 8.82 0.20 17.24
C PRO B 24 9.85 0.15 18.35
N ASN B 25 10.55 1.25 18.59
CA ASN B 25 11.61 1.29 19.59
C ASN B 25 11.11 0.97 21.00
N HIS B 26 9.85 1.30 21.28
CA HIS B 26 9.28 1.02 22.60
C HIS B 26 9.10 -0.48 22.87
N TYR B 27 9.23 -1.29 21.82
CA TYR B 27 9.14 -2.75 21.96
C TYR B 27 10.49 -3.43 21.68
N ALA B 28 11.52 -2.62 21.45
CA ALA B 28 12.83 -3.13 21.03
C ALA B 28 13.40 -4.21 21.95
N GLU B 29 13.20 -4.06 23.26
CA GLU B 29 13.68 -5.04 24.22
C GLU B 29 12.59 -6.02 24.66
N ASP B 30 11.40 -5.87 24.09
CA ASP B 30 10.24 -6.64 24.52
C ASP B 30 9.94 -7.82 23.59
N LEU B 31 10.57 -7.83 22.42
CA LEU B 31 10.36 -8.89 21.42
C LEU B 31 11.61 -9.77 21.29
N GLU B 32 11.39 -11.06 21.01
CA GLU B 32 12.51 -12.00 20.86
C GLU B 32 12.92 -12.12 19.40
N ARG B 33 11.95 -12.45 18.54
CA ARG B 33 12.18 -12.62 17.11
C ARG B 33 10.94 -12.17 16.35
N VAL B 34 11.12 -11.76 15.09
CA VAL B 34 9.98 -11.58 14.19
C VAL B 34 9.59 -12.98 13.70
N PHE B 35 8.31 -13.31 13.80
CA PHE B 35 7.85 -14.66 13.48
C PHE B 35 7.22 -14.68 12.09
N ILE B 36 6.30 -13.74 11.86
CA ILE B 36 5.65 -13.61 10.56
C ILE B 36 5.65 -12.14 10.16
N PRO B 37 6.51 -11.78 9.20
CA PRO B 37 6.61 -10.40 8.72
C PRO B 37 5.27 -9.91 8.16
N HIS B 38 4.96 -8.64 8.40
CA HIS B 38 3.69 -8.04 7.98
C HIS B 38 3.40 -8.29 6.50
N GLY B 39 4.41 -8.10 5.67
CA GLY B 39 4.27 -8.26 4.24
C GLY B 39 3.87 -9.67 3.83
N LEU B 40 4.41 -10.67 4.53
CA LEU B 40 4.03 -12.06 4.28
C LEU B 40 2.57 -12.29 4.65
N ILE B 41 2.11 -11.64 5.71
CA ILE B 41 0.71 -11.74 6.10
C ILE B 41 -0.18 -11.18 4.99
N MET B 42 0.25 -10.09 4.38
N MET B 42 0.24 -10.08 4.40
CA MET B 42 -0.53 -9.46 3.32
CA MET B 42 -0.50 -9.45 3.31
C MET B 42 -0.62 -10.36 2.08
C MET B 42 -0.62 -10.38 2.11
N ASP B 43 0.50 -10.98 1.72
CA ASP B 43 0.55 -11.88 0.58
C ASP B 43 -0.38 -13.07 0.75
N ARG B 44 -0.42 -13.61 1.97
CA ARG B 44 -1.27 -14.76 2.26
C ARG B 44 -2.72 -14.32 2.27
N THR B 45 -2.98 -13.15 2.85
CA THR B 45 -4.32 -12.59 2.94
C THR B 45 -4.90 -12.32 1.56
N GLU B 46 -4.06 -11.84 0.64
CA GLU B 46 -4.51 -11.59 -0.73
C GLU B 46 -5.09 -12.86 -1.33
N ARG B 47 -4.36 -13.96 -1.19
CA ARG B 47 -4.80 -15.25 -1.69
C ARG B 47 -6.05 -15.74 -0.97
N LEU B 48 -6.14 -15.49 0.34
CA LEU B 48 -7.30 -15.92 1.12
C LEU B 48 -8.56 -15.20 0.65
N ALA B 49 -8.39 -13.94 0.25
CA ALA B 49 -9.49 -13.14 -0.28
C ALA B 49 -10.09 -13.77 -1.52
N ARG B 50 -9.23 -14.25 -2.42
CA ARG B 50 -9.71 -14.91 -3.63
C ARG B 50 -10.38 -16.23 -3.28
N ASP B 51 -9.84 -16.93 -2.28
CA ASP B 51 -10.44 -18.18 -1.82
C ASP B 51 -11.83 -17.93 -1.23
N VAL B 52 -11.95 -16.87 -0.43
CA VAL B 52 -13.24 -16.52 0.17
C VAL B 52 -14.29 -16.26 -0.91
N MET B 53 -13.93 -15.43 -1.88
CA MET B 53 -14.87 -15.06 -2.94
C MET B 53 -15.26 -16.21 -3.87
N LYS B 54 -14.35 -17.16 -4.04
CA LYS B 54 -14.63 -18.35 -4.82
C LYS B 54 -15.67 -19.23 -4.12
N GLU B 55 -15.64 -19.22 -2.80
CA GLU B 55 -16.49 -20.10 -2.01
C GLU B 55 -17.75 -19.40 -1.50
N MET B 56 -17.67 -18.09 -1.27
CA MET B 56 -18.77 -17.37 -0.62
C MET B 56 -19.45 -16.35 -1.53
N GLY B 57 -18.88 -16.10 -2.69
CA GLY B 57 -19.54 -15.30 -3.70
C GLY B 57 -20.11 -16.20 -4.80
N GLY B 58 -21.30 -15.88 -5.29
CA GLY B 58 -21.99 -14.66 -4.90
C GLY B 58 -23.39 -14.76 -4.30
N HIS B 59 -23.46 -14.64 -2.98
CA HIS B 59 -24.65 -14.19 -2.28
C HIS B 59 -24.13 -13.13 -1.33
N HIS B 60 -25.02 -12.26 -0.87
CA HIS B 60 -24.69 -11.30 0.16
C HIS B 60 -23.89 -11.95 1.29
N ILE B 61 -22.73 -11.36 1.57
CA ILE B 61 -21.85 -11.80 2.64
C ILE B 61 -21.97 -10.86 3.82
N VAL B 62 -22.16 -11.40 5.02
CA VAL B 62 -22.03 -10.60 6.23
C VAL B 62 -20.69 -10.95 6.87
N ALA B 63 -19.78 -9.97 6.92
CA ALA B 63 -18.48 -10.19 7.52
C ALA B 63 -18.52 -9.85 9.01
N LEU B 64 -18.12 -10.82 9.83
CA LEU B 64 -18.18 -10.67 11.28
C LEU B 64 -16.79 -10.64 11.88
N CYS B 65 -16.40 -9.49 12.41
CA CYS B 65 -15.09 -9.32 13.01
C CYS B 65 -15.15 -9.66 14.50
N VAL B 66 -14.29 -10.58 14.94
CA VAL B 66 -14.17 -10.84 16.38
C VAL B 66 -13.11 -9.92 17.01
N LEU B 67 -13.57 -8.87 17.68
CA LEU B 67 -12.70 -7.90 18.32
C LEU B 67 -12.02 -8.50 19.56
N LYS B 68 -10.86 -7.99 19.97
CA LYS B 68 -10.15 -6.91 19.28
C LYS B 68 -9.15 -7.47 18.29
N GLY B 69 -8.60 -8.64 18.62
CA GLY B 69 -7.52 -9.24 17.86
C GLY B 69 -7.73 -9.38 16.37
N GLY B 70 -8.99 -9.54 15.97
CA GLY B 70 -9.31 -9.80 14.58
C GLY B 70 -9.36 -8.56 13.68
N TYR B 71 -9.37 -7.38 14.29
CA TYR B 71 -9.65 -6.15 13.54
C TYR B 71 -8.69 -5.84 12.39
N LYS B 72 -7.40 -6.11 12.57
CA LYS B 72 -6.41 -5.85 11.51
C LYS B 72 -6.56 -6.83 10.34
N PHE B 73 -6.58 -8.12 10.66
CA PHE B 73 -6.79 -9.17 9.66
C PHE B 73 -8.12 -8.95 8.94
N PHE B 74 -9.11 -8.49 9.69
CA PHE B 74 -10.44 -8.21 9.14
C PHE B 74 -10.38 -7.07 8.13
N ALA B 75 -9.74 -5.97 8.52
CA ALA B 75 -9.64 -4.78 7.67
C ALA B 75 -8.87 -5.07 6.36
N ASP B 76 -7.77 -5.80 6.47
CA ASP B 76 -6.96 -6.10 5.30
C ASP B 76 -7.60 -7.16 4.39
N LEU B 77 -8.22 -8.18 4.98
CA LEU B 77 -8.88 -9.22 4.19
C LEU B 77 -10.00 -8.61 3.37
N LEU B 78 -10.73 -7.68 3.99
CA LEU B 78 -11.84 -7.01 3.34
C LEU B 78 -11.37 -6.03 2.28
N ASP B 79 -10.21 -5.40 2.50
CA ASP B 79 -9.61 -4.53 1.49
C ASP B 79 -9.21 -5.30 0.24
N TYR B 80 -8.68 -6.51 0.41
CA TYR B 80 -8.34 -7.35 -0.72
C TYR B 80 -9.60 -7.85 -1.42
N ILE B 81 -10.62 -8.18 -0.65
CA ILE B 81 -11.89 -8.61 -1.22
C ILE B 81 -12.49 -7.48 -2.06
N LYS B 82 -12.39 -6.25 -1.56
CA LYS B 82 -12.91 -5.09 -2.28
C LYS B 82 -12.13 -4.81 -3.55
N ALA B 83 -10.81 -5.04 -3.52
CA ALA B 83 -9.98 -4.90 -4.71
C ALA B 83 -10.49 -5.85 -5.80
N LEU B 84 -10.89 -7.04 -5.40
CA LEU B 84 -11.43 -8.02 -6.33
C LEU B 84 -12.79 -7.57 -6.86
N ASN B 85 -13.63 -7.04 -5.98
CA ASN B 85 -14.98 -6.65 -6.33
C ASN B 85 -15.04 -5.47 -7.31
N ARG B 86 -14.00 -4.65 -7.33
CA ARG B 86 -14.00 -3.45 -8.19
C ARG B 86 -13.14 -3.60 -9.46
N ASN B 87 -12.54 -4.77 -9.63
CA ASN B 87 -11.69 -5.01 -10.80
C ASN B 87 -12.05 -6.31 -11.52
N SER B 88 -13.29 -6.74 -11.34
CA SER B 88 -13.76 -8.00 -11.89
C SER B 88 -15.19 -7.89 -12.39
N ASP B 89 -15.75 -9.03 -12.76
CA ASP B 89 -17.14 -9.10 -13.21
C ASP B 89 -18.02 -9.72 -12.12
N ARG B 90 -18.98 -8.94 -11.65
CA ARG B 90 -19.87 -9.34 -10.56
C ARG B 90 -19.15 -9.57 -9.23
N SER B 91 -19.89 -9.38 -8.14
CA SER B 91 -19.35 -9.50 -6.80
C SER B 91 -20.46 -9.72 -5.79
N PRO B 93 -21.71 -7.93 -2.79
CA PRO B 93 -22.08 -6.98 -1.73
C PRO B 93 -21.89 -7.54 -0.32
N MET B 94 -21.24 -6.75 0.53
CA MET B 94 -20.98 -7.17 1.91
C MET B 94 -21.54 -6.16 2.89
N THR B 95 -21.98 -6.64 4.04
CA THR B 95 -22.22 -5.80 5.20
C THR B 95 -21.23 -6.26 6.25
N VAL B 96 -20.91 -5.39 7.20
CA VAL B 96 -19.99 -5.77 8.26
C VAL B 96 -20.65 -5.66 9.63
N ASP B 97 -20.19 -6.49 10.56
CA ASP B 97 -20.55 -6.32 11.97
C ASP B 97 -19.35 -6.67 12.82
N PHE B 98 -19.37 -6.23 14.07
CA PHE B 98 -18.26 -6.45 14.99
C PHE B 98 -18.83 -7.03 16.27
N ILE B 99 -18.26 -8.15 16.70
CA ILE B 99 -18.65 -8.71 17.99
C ILE B 99 -17.46 -8.93 18.90
N ARG B 100 -17.75 -8.99 20.19
CA ARG B 100 -16.75 -9.30 21.20
C ARG B 100 -17.29 -10.46 22.01
N LEU B 101 -16.40 -11.32 22.49
CA LEU B 101 -16.84 -12.50 23.23
C LEU B 101 -16.44 -12.41 24.71
N LYS B 102 -17.43 -12.54 25.58
CA LYS B 102 -17.22 -12.49 27.03
C LYS B 102 -17.05 -13.90 27.58
N SER B 103 -16.10 -14.06 28.51
CA SER B 103 -15.83 -15.36 29.12
C SER B 103 -16.52 -15.48 30.48
N LYS B 114 -20.34 -15.23 26.19
CA LYS B 114 -21.48 -14.54 25.62
C LYS B 114 -21.07 -13.67 24.42
N VAL B 115 -22.05 -13.17 23.69
CA VAL B 115 -21.81 -12.19 22.63
C VAL B 115 -22.15 -10.81 23.14
N ILE B 116 -21.17 -9.91 23.11
CA ILE B 116 -21.40 -8.53 23.52
C ILE B 116 -21.25 -7.60 22.32
N GLY B 117 -22.00 -6.50 22.32
CA GLY B 117 -22.08 -5.64 21.15
C GLY B 117 -22.71 -6.36 19.98
N GLY B 118 -22.51 -5.84 18.79
CA GLY B 118 -23.05 -6.44 17.57
C GLY B 118 -24.50 -6.06 17.32
N ASP B 119 -24.96 -6.29 16.08
CA ASP B 119 -26.38 -6.16 15.78
C ASP B 119 -27.06 -7.42 16.28
N ASP B 120 -28.39 -7.42 16.30
CA ASP B 120 -29.10 -8.65 16.63
C ASP B 120 -28.82 -9.68 15.53
N LEU B 121 -28.52 -10.90 15.94
CA LEU B 121 -28.04 -11.90 14.99
C LEU B 121 -29.11 -12.34 13.98
N SER B 122 -30.28 -11.71 14.03
CA SER B 122 -31.30 -11.93 13.02
C SER B 122 -30.83 -11.41 11.66
N THR B 123 -29.85 -10.52 11.67
CA THR B 123 -29.27 -10.00 10.43
C THR B 123 -28.51 -11.08 9.66
N LEU B 124 -28.17 -12.17 10.35
CA LEU B 124 -27.38 -13.24 9.76
C LEU B 124 -28.26 -14.26 9.02
N THR B 125 -29.55 -14.24 9.30
CA THR B 125 -30.49 -15.22 8.73
C THR B 125 -30.53 -15.15 7.20
N GLY B 126 -30.30 -16.29 6.55
CA GLY B 126 -30.34 -16.37 5.11
C GLY B 126 -29.18 -15.67 4.43
N LYS B 127 -28.08 -15.50 5.17
CA LYS B 127 -26.90 -14.82 4.64
C LYS B 127 -25.67 -15.73 4.62
N ASN B 128 -24.70 -15.38 3.78
CA ASN B 128 -23.40 -16.02 3.80
C ASN B 128 -22.56 -15.33 4.87
N VAL B 129 -22.35 -16.01 6.00
CA VAL B 129 -21.66 -15.40 7.12
C VAL B 129 -20.20 -15.80 7.20
N LEU B 130 -19.31 -14.82 7.07
CA LEU B 130 -17.88 -15.05 7.24
C LEU B 130 -17.45 -14.54 8.60
N ILE B 131 -17.04 -15.46 9.48
CA ILE B 131 -16.48 -15.07 10.76
C ILE B 131 -14.97 -14.89 10.63
N VAL B 132 -14.46 -13.76 11.09
CA VAL B 132 -13.04 -13.44 10.96
C VAL B 132 -12.35 -13.38 12.33
N GLU B 133 -11.41 -14.29 12.55
CA GLU B 133 -10.73 -14.40 13.83
C GLU B 133 -9.22 -14.21 13.68
N ASP B 134 -8.56 -13.80 14.76
CA ASP B 134 -7.10 -13.69 14.76
C ASP B 134 -6.42 -15.06 14.95
N ILE B 135 -6.92 -15.85 15.90
CA ILE B 135 -6.20 -17.06 16.30
C ILE B 135 -7.06 -18.18 16.87
N ILE B 136 -6.73 -19.42 16.51
CA ILE B 136 -7.45 -20.56 17.03
C ILE B 136 -6.48 -21.35 17.89
N ASP B 137 -6.88 -21.62 19.13
CA ASP B 137 -6.09 -22.49 19.99
C ASP B 137 -6.85 -23.79 20.20
N THR B 138 -7.59 -23.90 21.30
CA THR B 138 -8.39 -25.09 21.56
C THR B 138 -9.56 -25.22 20.58
N GLY B 139 -9.98 -24.10 20.00
CA GLY B 139 -11.09 -24.08 19.07
C GLY B 139 -12.42 -24.02 19.78
N LYS B 140 -12.39 -23.95 21.11
CA LYS B 140 -13.59 -23.92 21.93
C LYS B 140 -14.39 -22.64 21.72
N THR B 141 -13.70 -21.50 21.77
CA THR B 141 -14.30 -20.19 21.56
C THR B 141 -15.17 -20.15 20.32
N MET B 142 -14.68 -20.74 19.24
CA MET B 142 -15.35 -20.66 17.96
C MET B 142 -16.38 -21.76 17.76
N GLN B 143 -16.10 -22.95 18.29
CA GLN B 143 -17.07 -24.03 18.22
C GLN B 143 -18.35 -23.58 18.92
N THR B 144 -18.17 -22.87 20.04
CA THR B 144 -19.28 -22.33 20.80
C THR B 144 -19.98 -21.20 20.06
N LEU B 145 -19.19 -20.37 19.36
CA LEU B 145 -19.75 -19.28 18.57
C LEU B 145 -20.57 -19.78 17.40
N LEU B 146 -20.00 -20.71 16.62
CA LEU B 146 -20.71 -21.33 15.51
C LEU B 146 -22.01 -21.96 15.99
N SER B 147 -21.94 -22.64 17.15
CA SER B 147 -23.10 -23.26 17.76
C SER B 147 -24.21 -22.26 18.04
N LEU B 148 -23.84 -21.00 18.23
CA LEU B 148 -24.81 -19.94 18.41
C LEU B 148 -25.31 -19.38 17.08
N VAL B 149 -24.37 -18.99 16.22
CA VAL B 149 -24.71 -18.41 14.92
C VAL B 149 -25.69 -19.26 14.11
N ARG B 150 -25.49 -20.57 14.13
CA ARG B 150 -26.30 -21.47 13.30
C ARG B 150 -27.80 -21.46 13.61
N GLN B 151 -28.17 -21.32 14.88
CA GLN B 151 -29.59 -21.31 15.23
C GLN B 151 -30.27 -19.98 14.89
N TYR B 152 -29.56 -19.12 14.18
CA TYR B 152 -30.17 -17.96 13.52
C TYR B 152 -30.33 -18.27 12.04
N ASN B 153 -29.99 -19.50 11.69
CA ASN B 153 -30.21 -20.05 10.35
C ASN B 153 -29.61 -19.24 9.19
N PRO B 154 -28.28 -19.10 9.16
CA PRO B 154 -27.65 -18.46 8.00
C PRO B 154 -27.61 -19.42 6.83
N LYS B 155 -27.43 -18.89 5.63
CA LYS B 155 -27.36 -19.70 4.42
C LYS B 155 -26.14 -20.62 4.47
N MET B 156 -25.03 -20.06 4.97
CA MET B 156 -23.82 -20.81 5.23
C MET B 156 -22.99 -20.02 6.24
N VAL B 157 -22.13 -20.71 6.99
CA VAL B 157 -21.21 -20.04 7.92
CA VAL B 157 -21.20 -19.99 7.85
C VAL B 157 -19.80 -20.53 7.68
N LYS B 158 -18.88 -19.61 7.45
CA LYS B 158 -17.48 -19.95 7.23
C LYS B 158 -16.61 -19.20 8.24
N VAL B 159 -15.47 -19.79 8.60
CA VAL B 159 -14.54 -19.09 9.48
C VAL B 159 -13.19 -18.89 8.81
N ALA B 160 -12.76 -17.63 8.76
CA ALA B 160 -11.40 -17.30 8.36
C ALA B 160 -10.61 -16.93 9.60
N SER B 161 -9.53 -17.66 9.84
CA SER B 161 -8.64 -17.32 10.95
C SER B 161 -7.22 -17.09 10.45
N LEU B 162 -6.61 -16.00 10.88
CA LEU B 162 -5.23 -15.70 10.51
C LEU B 162 -4.31 -16.82 10.98
N LEU B 163 -4.46 -17.22 12.24
CA LEU B 163 -3.57 -18.21 12.84
C LEU B 163 -4.32 -19.41 13.41
N VAL B 164 -3.75 -20.60 13.21
CA VAL B 164 -4.21 -21.82 13.88
C VAL B 164 -2.99 -22.43 14.56
N LYS B 165 -3.08 -22.66 15.87
CA LYS B 165 -1.96 -23.24 16.60
C LYS B 165 -2.03 -24.77 16.61
N ARG B 166 -0.87 -25.42 16.58
CA ARG B 166 -0.84 -26.87 16.74
C ARG B 166 -0.89 -27.22 18.23
N THR B 167 -2.05 -27.75 18.63
CA THR B 167 -2.39 -27.93 20.04
C THR B 167 -3.53 -28.94 20.12
N PRO B 168 -3.80 -29.51 21.31
CA PRO B 168 -4.99 -30.34 21.47
C PRO B 168 -6.28 -29.55 21.27
N ARG B 169 -7.07 -29.97 20.29
CA ARG B 169 -8.13 -29.16 19.72
C ARG B 169 -9.46 -29.92 19.67
N SER B 170 -10.38 -29.57 20.58
CA SER B 170 -11.68 -30.24 20.65
C SER B 170 -12.51 -30.02 19.39
N TYR B 173 -11.75 -28.15 16.36
CA TYR B 173 -12.42 -27.62 15.18
C TYR B 173 -11.41 -27.18 14.11
N LYS B 174 -11.86 -27.15 12.85
CA LYS B 174 -11.06 -26.70 11.72
C LYS B 174 -11.74 -25.57 10.96
N PRO B 175 -11.10 -24.39 10.89
CA PRO B 175 -11.63 -23.26 10.13
C PRO B 175 -11.56 -23.48 8.61
N ASP B 176 -12.33 -22.71 7.85
CA ASP B 176 -12.44 -22.93 6.41
C ASP B 176 -11.35 -22.20 5.63
N PHE B 177 -10.83 -21.14 6.23
CA PHE B 177 -9.71 -20.40 5.66
C PHE B 177 -8.67 -20.14 6.75
N VAL B 178 -7.43 -20.56 6.49
CA VAL B 178 -6.33 -20.39 7.43
C VAL B 178 -5.18 -19.67 6.76
N GLY B 179 -4.67 -18.63 7.42
CA GLY B 179 -3.49 -17.95 6.95
C GLY B 179 -2.25 -18.78 7.22
N PHE B 180 -1.99 -19.03 8.51
CA PHE B 180 -0.78 -19.71 8.92
C PHE B 180 -1.06 -20.71 10.04
N GLU B 181 -0.46 -21.90 9.93
CA GLU B 181 -0.50 -22.86 11.02
C GLU B 181 0.81 -22.78 11.79
N ILE B 182 0.73 -22.41 13.06
CA ILE B 182 1.92 -22.07 13.84
C ILE B 182 2.15 -23.03 15.01
N PRO B 183 3.40 -23.12 15.51
CA PRO B 183 3.67 -23.96 16.67
C PRO B 183 2.98 -23.46 17.94
N ASP B 184 3.12 -24.18 19.04
CA ASP B 184 2.52 -23.79 20.30
C ASP B 184 3.38 -22.74 21.00
N LYS B 185 3.47 -21.56 20.38
CA LYS B 185 4.20 -20.44 20.96
C LYS B 185 3.26 -19.26 21.15
N PHE B 186 3.47 -18.46 22.18
CA PHE B 186 2.66 -17.27 22.37
C PHE B 186 3.16 -16.15 21.47
N VAL B 187 2.31 -15.74 20.52
CA VAL B 187 2.68 -14.70 19.56
C VAL B 187 1.90 -13.41 19.81
N VAL B 188 2.50 -12.28 19.42
CA VAL B 188 1.85 -10.98 19.53
C VAL B 188 2.05 -10.19 18.25
N GLY B 189 1.35 -9.07 18.12
CA GLY B 189 1.49 -8.23 16.95
C GLY B 189 0.35 -8.41 15.95
N TYR B 190 0.21 -7.47 15.03
CA TYR B 190 -0.87 -7.51 14.03
C TYR B 190 -2.22 -7.63 14.72
N ALA B 191 -2.40 -6.80 15.74
CA ALA B 191 -3.61 -6.74 16.58
C ALA B 191 -3.69 -7.81 17.67
N LEU B 192 -2.80 -8.81 17.62
CA LEU B 192 -2.73 -9.81 18.68
C LEU B 192 -2.00 -9.24 19.90
N ASP B 193 -2.55 -9.45 21.08
CA ASP B 193 -2.07 -8.71 22.26
C ASP B 193 -1.49 -9.56 23.38
N TYR B 194 -0.67 -8.90 24.21
CA TYR B 194 -0.31 -9.43 25.51
C TYR B 194 -0.73 -8.39 26.52
N ASN B 195 -1.83 -8.66 27.23
CA ASN B 195 -2.41 -7.71 28.17
CA ASN B 195 -2.38 -7.71 28.19
C ASN B 195 -2.57 -6.32 27.56
N GLU B 196 -3.20 -6.30 26.39
CA GLU B 196 -3.51 -5.08 25.62
C GLU B 196 -2.34 -4.43 24.87
N TYR B 197 -1.13 -4.89 25.14
CA TYR B 197 0.04 -4.35 24.44
C TYR B 197 0.36 -5.14 23.17
N PHE B 198 1.17 -4.55 22.30
CA PHE B 198 1.61 -5.15 21.03
C PHE B 198 0.58 -5.15 19.91
N ARG B 199 -0.60 -4.58 20.14
CA ARG B 199 -1.57 -4.46 19.06
C ARG B 199 -1.06 -3.44 18.03
N ASP B 200 -0.32 -2.44 18.52
CA ASP B 200 0.29 -1.42 17.66
C ASP B 200 1.60 -1.90 17.02
N LEU B 201 1.57 -3.09 16.43
CA LEU B 201 2.75 -3.70 15.82
C LEU B 201 2.31 -4.37 14.53
N ASN B 202 3.04 -4.16 13.44
CA ASN B 202 2.61 -4.71 12.16
C ASN B 202 3.01 -6.16 11.90
N HIS B 203 4.16 -6.58 12.43
CA HIS B 203 4.60 -7.97 12.31
C HIS B 203 4.03 -8.82 13.43
N VAL B 204 3.84 -10.10 13.17
CA VAL B 204 3.58 -11.04 14.23
C VAL B 204 4.93 -11.48 14.80
N CYS B 205 5.08 -11.39 16.12
CA CYS B 205 6.38 -11.64 16.73
C CYS B 205 6.25 -12.51 17.97
N VAL B 206 7.36 -13.04 18.43
CA VAL B 206 7.39 -13.79 19.69
C VAL B 206 7.88 -12.87 20.81
N ILE B 207 7.14 -12.87 21.91
CA ILE B 207 7.41 -11.98 23.04
C ILE B 207 8.63 -12.43 23.85
N SER B 208 9.50 -11.47 24.18
CA SER B 208 10.69 -11.78 25.00
C SER B 208 10.30 -12.01 26.45
N GLU B 209 11.26 -12.43 27.27
CA GLU B 209 10.99 -12.67 28.68
C GLU B 209 10.86 -11.37 29.46
N THR B 210 11.66 -10.37 29.05
CA THR B 210 11.58 -9.04 29.64
C THR B 210 10.26 -8.37 29.27
N GLY B 211 9.75 -8.70 28.10
CA GLY B 211 8.46 -8.20 27.64
C GLY B 211 7.31 -8.82 28.42
N LYS B 212 7.45 -10.09 28.78
CA LYS B 212 6.45 -10.76 29.61
C LYS B 212 6.40 -10.10 30.97
N ALA B 213 7.56 -9.94 31.58
CA ALA B 213 7.68 -9.30 32.89
C ALA B 213 7.18 -7.86 32.89
N LYS B 214 7.63 -7.07 31.91
CA LYS B 214 7.28 -5.66 31.81
C LYS B 214 5.78 -5.41 31.73
N TYR B 215 5.11 -6.13 30.84
CA TYR B 215 3.69 -5.91 30.59
C TYR B 215 2.82 -6.93 31.32
N LYS B 216 3.41 -7.58 32.32
CA LYS B 216 2.70 -8.57 33.14
C LYS B 216 1.55 -7.93 33.91
N ALA B 217 0.43 -8.64 34.00
CA ALA B 217 -0.72 -8.18 34.76
C ALA B 217 -0.90 -9.00 36.04
N PRO C 5 -10.57 10.76 -22.29
CA PRO C 5 -9.82 12.00 -22.15
C PRO C 5 -9.35 12.18 -20.71
N GLY C 6 -9.67 11.22 -19.85
CA GLY C 6 -9.16 11.18 -18.50
C GLY C 6 -9.80 12.14 -17.53
N VAL C 7 -9.22 12.27 -16.35
CA VAL C 7 -9.71 13.19 -15.33
C VAL C 7 -9.40 14.63 -15.73
N VAL C 8 -10.45 15.44 -15.91
CA VAL C 8 -10.28 16.83 -16.31
C VAL C 8 -9.99 17.73 -15.13
N ILE C 9 -8.83 18.37 -15.15
CA ILE C 9 -8.48 19.40 -14.17
C ILE C 9 -8.62 20.75 -14.86
N SER C 10 -9.61 21.53 -14.44
CA SER C 10 -9.90 22.80 -15.10
C SER C 10 -8.86 23.88 -14.82
N ASP C 11 -8.86 24.92 -15.64
CA ASP C 11 -7.90 26.02 -15.52
C ASP C 11 -7.96 26.75 -14.18
N ASP C 12 -9.11 26.69 -13.53
CA ASP C 12 -9.35 27.45 -12.31
C ASP C 12 -9.10 26.66 -11.02
N GLU C 13 -8.85 25.37 -11.15
CA GLU C 13 -8.52 24.51 -9.99
C GLU C 13 -7.42 25.12 -9.13
N PRO C 14 -7.73 25.41 -7.86
CA PRO C 14 -6.78 26.03 -6.94
C PRO C 14 -5.69 25.06 -6.51
N GLY C 15 -6.03 23.78 -6.45
CA GLY C 15 -5.14 22.78 -5.90
C GLY C 15 -5.30 22.75 -4.40
N TYR C 16 -4.35 22.13 -3.70
CA TYR C 16 -4.45 22.01 -2.25
C TYR C 16 -3.29 22.68 -1.52
N ASP C 17 -3.60 23.28 -0.38
CA ASP C 17 -2.58 23.85 0.52
C ASP C 17 -1.54 22.78 0.84
N LEU C 18 -0.28 23.17 0.88
CA LEU C 18 0.81 22.23 1.16
C LEU C 18 0.68 21.67 2.57
N ASP C 19 0.21 22.50 3.49
CA ASP C 19 0.14 22.13 4.90
C ASP C 19 -0.97 21.14 5.23
N LEU C 20 -1.78 20.78 4.24
CA LEU C 20 -2.80 19.77 4.42
C LEU C 20 -2.24 18.38 4.10
N PHE C 21 -1.00 18.34 3.61
CA PHE C 21 -0.39 17.07 3.24
C PHE C 21 1.01 16.88 3.81
N CYS C 22 1.51 15.65 3.71
CA CYS C 22 2.88 15.34 4.06
C CYS C 22 3.80 15.70 2.89
N ILE C 23 4.71 16.64 3.11
CA ILE C 23 5.58 17.17 2.07
C ILE C 23 7.03 17.14 2.56
N PRO C 24 7.95 16.65 1.71
CA PRO C 24 9.38 16.64 2.09
C PRO C 24 9.89 18.04 2.43
N ASN C 25 10.55 18.18 3.57
CA ASN C 25 10.98 19.50 4.07
C ASN C 25 11.94 20.27 3.16
N HIS C 26 12.73 19.56 2.37
CA HIS C 26 13.68 20.25 1.49
C HIS C 26 13.01 20.97 0.32
N TYR C 27 11.72 20.70 0.12
CA TYR C 27 10.93 21.36 -0.93
C TYR C 27 9.83 22.25 -0.36
N ALA C 28 9.84 22.45 0.95
CA ALA C 28 8.79 23.19 1.65
C ALA C 28 8.56 24.61 1.11
N GLU C 29 9.66 25.27 0.74
CA GLU C 29 9.60 26.64 0.25
C GLU C 29 9.49 26.68 -1.28
N ASP C 30 9.65 25.53 -1.92
CA ASP C 30 9.83 25.47 -3.36
C ASP C 30 8.55 25.15 -4.14
N LEU C 31 7.47 24.84 -3.42
CA LEU C 31 6.21 24.48 -4.06
C LEU C 31 5.12 25.51 -3.78
N GLU C 32 4.24 25.72 -4.75
CA GLU C 32 3.14 26.66 -4.57
C GLU C 32 1.91 25.95 -4.00
N ARG C 33 1.42 24.95 -4.72
CA ARG C 33 0.30 24.14 -4.27
C ARG C 33 0.50 22.68 -4.67
N VAL C 34 -0.13 21.76 -3.95
CA VAL C 34 -0.24 20.38 -4.42
C VAL C 34 -1.30 20.37 -5.52
N PHE C 35 -0.95 19.84 -6.68
CA PHE C 35 -1.83 19.92 -7.84
C PHE C 35 -2.63 18.64 -8.03
N ILE C 36 -1.94 17.50 -7.99
CA ILE C 36 -2.60 16.20 -8.01
C ILE C 36 -1.97 15.31 -6.94
N PRO C 37 -2.72 15.05 -5.85
CA PRO C 37 -2.26 14.21 -4.75
C PRO C 37 -1.87 12.79 -5.21
N HIS C 38 -0.84 12.23 -4.60
CA HIS C 38 -0.33 10.89 -4.98
C HIS C 38 -1.43 9.84 -5.01
N GLY C 39 -2.29 9.87 -3.99
CA GLY C 39 -3.35 8.87 -3.87
C GLY C 39 -4.36 8.94 -4.99
N LEU C 40 -4.65 10.15 -5.46
CA LEU C 40 -5.55 10.32 -6.59
C LEU C 40 -4.93 9.74 -7.86
N ILE C 41 -3.62 9.88 -7.98
CA ILE C 41 -2.88 9.31 -9.10
C ILE C 41 -3.00 7.78 -9.08
N MET C 42 -2.88 7.19 -7.89
CA MET C 42 -3.05 5.74 -7.73
C MET C 42 -4.43 5.25 -8.14
N ASP C 43 -5.47 5.92 -7.66
CA ASP C 43 -6.85 5.56 -7.98
C ASP C 43 -7.09 5.58 -9.48
N ARG C 44 -6.63 6.63 -10.13
CA ARG C 44 -6.79 6.79 -11.57
C ARG C 44 -6.01 5.71 -12.30
N THR C 45 -4.81 5.41 -11.81
CA THR C 45 -3.93 4.44 -12.43
C THR C 45 -4.51 3.02 -12.31
N GLU C 46 -5.20 2.73 -11.21
CA GLU C 46 -5.83 1.42 -11.04
C GLU C 46 -6.84 1.15 -12.15
N ARG C 47 -7.64 2.18 -12.48
CA ARG C 47 -8.63 2.06 -13.53
C ARG C 47 -7.98 1.98 -14.92
N LEU C 48 -6.90 2.73 -15.12
CA LEU C 48 -6.17 2.70 -16.39
C LEU C 48 -5.59 1.32 -16.66
N ALA C 49 -5.12 0.66 -15.62
CA ALA C 49 -4.56 -0.68 -15.74
C ALA C 49 -5.62 -1.65 -16.26
N ARG C 50 -6.86 -1.48 -15.80
CA ARG C 50 -7.94 -2.36 -16.24
C ARG C 50 -8.31 -2.07 -17.70
N ASP C 51 -8.30 -0.79 -18.08
CA ASP C 51 -8.58 -0.42 -19.47
C ASP C 51 -7.50 -0.98 -20.40
N VAL C 52 -6.25 -0.98 -19.92
CA VAL C 52 -5.13 -1.52 -20.69
C VAL C 52 -5.31 -3.03 -20.92
N MET C 53 -5.62 -3.76 -19.85
CA MET C 53 -5.79 -5.20 -19.94
C MET C 53 -6.96 -5.58 -20.83
N LYS C 54 -8.01 -4.75 -20.80
CA LYS C 54 -9.17 -4.92 -21.68
C LYS C 54 -8.77 -4.78 -23.15
N GLU C 55 -8.03 -3.72 -23.48
CA GLU C 55 -7.66 -3.45 -24.87
C GLU C 55 -6.45 -4.24 -25.38
N MET C 56 -5.52 -4.58 -24.50
CA MET C 56 -4.25 -5.18 -24.93
C MET C 56 -3.96 -6.56 -24.34
N GLY C 57 -4.87 -7.09 -23.54
CA GLY C 57 -4.62 -8.34 -22.81
C GLY C 57 -4.68 -9.62 -23.62
N GLY C 58 -5.04 -9.52 -24.90
CA GLY C 58 -5.19 -10.69 -25.75
C GLY C 58 -3.91 -11.28 -26.30
N HIS C 59 -2.81 -10.53 -26.19
CA HIS C 59 -1.54 -10.97 -26.74
C HIS C 59 -0.37 -10.41 -25.93
N HIS C 60 0.79 -11.08 -26.03
CA HIS C 60 2.00 -10.69 -25.30
C HIS C 60 2.30 -9.19 -25.40
N ILE C 61 2.48 -8.56 -24.25
CA ILE C 61 2.69 -7.13 -24.18
C ILE C 61 4.14 -6.78 -23.88
N VAL C 62 4.71 -5.85 -24.65
CA VAL C 62 5.99 -5.25 -24.33
C VAL C 62 5.74 -3.85 -23.78
N ALA C 63 5.97 -3.65 -22.49
CA ALA C 63 5.81 -2.34 -21.86
C ALA C 63 7.07 -1.50 -21.99
N LEU C 64 6.94 -0.35 -22.63
CA LEU C 64 8.08 0.52 -22.91
C LEU C 64 8.05 1.79 -22.06
N CYS C 65 8.99 1.91 -21.14
CA CYS C 65 9.06 3.06 -20.26
C CYS C 65 9.92 4.18 -20.86
N VAL C 66 9.36 5.38 -20.94
CA VAL C 66 10.15 6.53 -21.40
C VAL C 66 10.79 7.26 -20.22
N LEU C 67 12.04 6.91 -19.92
CA LEU C 67 12.80 7.53 -18.86
C LEU C 67 13.05 9.01 -19.18
N LYS C 68 13.22 9.86 -18.17
CA LYS C 68 13.18 9.48 -16.76
C LYS C 68 11.80 9.68 -16.16
N GLY C 69 11.11 10.73 -16.60
CA GLY C 69 9.84 11.13 -16.03
C GLY C 69 8.77 10.05 -15.98
N GLY C 70 8.87 9.07 -16.87
CA GLY C 70 7.85 8.03 -16.94
C GLY C 70 8.00 6.92 -15.93
N TYR C 71 9.10 6.91 -15.18
CA TYR C 71 9.45 5.76 -14.34
C TYR C 71 8.46 5.46 -13.20
N LYS C 72 7.91 6.50 -12.58
CA LYS C 72 6.96 6.30 -11.49
C LYS C 72 5.62 5.77 -11.99
N PHE C 73 5.06 6.42 -13.00
CA PHE C 73 3.80 6.01 -13.60
C PHE C 73 3.89 4.58 -14.13
N PHE C 74 5.00 4.29 -14.81
CA PHE C 74 5.28 2.99 -15.39
C PHE C 74 5.30 1.89 -14.33
N ALA C 75 6.00 2.13 -13.24
CA ALA C 75 6.12 1.14 -12.18
C ALA C 75 4.77 0.85 -11.53
N ASP C 76 4.01 1.90 -11.25
CA ASP C 76 2.72 1.76 -10.58
C ASP C 76 1.64 1.18 -11.50
N LEU C 77 1.63 1.61 -12.76
CA LEU C 77 0.69 1.07 -13.74
C LEU C 77 0.90 -0.43 -13.90
N LEU C 78 2.17 -0.83 -13.92
CA LEU C 78 2.52 -2.23 -14.07
C LEU C 78 2.20 -3.05 -12.82
N ASP C 79 2.28 -2.41 -11.66
CA ASP C 79 1.91 -3.09 -10.41
C ASP C 79 0.42 -3.37 -10.34
N TYR C 80 -0.38 -2.43 -10.83
CA TYR C 80 -1.83 -2.65 -10.89
C TYR C 80 -2.18 -3.71 -11.94
N ILE C 81 -1.46 -3.70 -13.05
CA ILE C 81 -1.64 -4.70 -14.09
C ILE C 81 -1.29 -6.09 -13.55
N LYS C 82 -0.22 -6.17 -12.77
CA LYS C 82 0.19 -7.42 -12.14
C LYS C 82 -0.84 -7.90 -11.11
N ALA C 83 -1.41 -6.97 -10.36
CA ALA C 83 -2.44 -7.30 -9.38
C ALA C 83 -3.66 -7.94 -10.06
N LEU C 84 -3.99 -7.43 -11.24
CA LEU C 84 -5.09 -7.98 -12.03
C LEU C 84 -4.76 -9.40 -12.50
N ASN C 85 -3.52 -9.58 -12.96
CA ASN C 85 -3.10 -10.85 -13.56
C ASN C 85 -2.97 -12.02 -12.58
N ARG C 86 -2.67 -11.73 -11.31
CA ARG C 86 -2.54 -12.79 -10.32
C ARG C 86 -3.85 -13.06 -9.56
N ASN C 87 -4.92 -12.39 -9.97
CA ASN C 87 -6.23 -12.60 -9.36
C ASN C 87 -7.31 -12.80 -10.42
N SER C 88 -6.89 -13.20 -11.63
CA SER C 88 -7.83 -13.41 -12.71
C SER C 88 -7.74 -14.83 -13.26
N ASP C 89 -8.68 -15.19 -14.13
CA ASP C 89 -8.70 -16.50 -14.75
C ASP C 89 -7.67 -16.61 -15.86
N ARG C 90 -7.36 -15.47 -16.48
CA ARG C 90 -6.59 -15.48 -17.70
C ARG C 90 -5.74 -14.21 -17.83
N SER C 91 -4.49 -14.39 -18.25
CA SER C 91 -3.59 -13.26 -18.45
C SER C 91 -2.53 -13.57 -19.50
N ILE C 92 -1.78 -12.56 -19.90
CA ILE C 92 -0.69 -12.74 -20.85
C ILE C 92 0.60 -12.19 -20.25
N PRO C 93 1.73 -12.85 -20.55
CA PRO C 93 3.03 -12.38 -20.04
C PRO C 93 3.38 -10.99 -20.55
N MET C 94 4.12 -10.24 -19.75
CA MET C 94 4.58 -8.91 -20.13
C MET C 94 6.10 -8.83 -20.09
N THR C 95 6.70 -8.21 -21.11
CA THR C 95 8.12 -7.89 -21.06
C THR C 95 8.27 -6.37 -20.95
N VAL C 96 9.34 -5.94 -20.27
CA VAL C 96 9.56 -4.52 -20.08
C VAL C 96 10.85 -4.07 -20.75
N ASP C 97 10.86 -2.82 -21.20
CA ASP C 97 12.07 -2.21 -21.72
C ASP C 97 12.06 -0.73 -21.35
N PHE C 98 13.22 -0.10 -21.45
CA PHE C 98 13.38 1.28 -21.03
C PHE C 98 14.10 2.07 -22.13
N ILE C 99 13.59 3.26 -22.44
CA ILE C 99 14.23 4.09 -23.44
C ILE C 99 14.34 5.53 -22.94
N ARG C 100 15.31 6.25 -23.51
CA ARG C 100 15.44 7.68 -23.29
C ARG C 100 15.43 8.34 -24.67
N LEU C 101 14.80 9.51 -24.77
CA LEU C 101 14.68 10.20 -26.05
C LEU C 101 15.65 11.36 -26.16
N LYS C 102 16.32 11.47 -27.31
CA LYS C 102 17.26 12.56 -27.56
C LYS C 102 17.15 13.03 -29.00
N ILE C 113 15.39 13.57 -31.93
CA ILE C 113 14.55 12.47 -32.41
C ILE C 113 15.31 11.15 -32.37
N LYS C 114 16.17 10.98 -31.36
CA LYS C 114 16.99 9.78 -31.25
C LYS C 114 16.70 8.99 -29.98
N VAL C 115 16.41 7.70 -30.14
CA VAL C 115 16.19 6.80 -29.01
C VAL C 115 17.53 6.27 -28.50
N ILE C 116 17.76 6.38 -27.20
CA ILE C 116 18.98 5.85 -26.59
C ILE C 116 18.66 4.76 -25.55
N GLY C 117 19.48 3.72 -25.53
CA GLY C 117 19.28 2.61 -24.61
C GLY C 117 18.15 1.70 -25.09
N GLY C 118 17.84 0.68 -24.29
CA GLY C 118 16.78 -0.25 -24.65
C GLY C 118 17.20 -1.34 -25.61
N ASP C 119 16.32 -2.32 -25.80
CA ASP C 119 16.62 -3.47 -26.64
C ASP C 119 16.64 -3.08 -28.12
N ASP C 120 17.15 -3.98 -28.97
CA ASP C 120 16.97 -3.84 -30.40
C ASP C 120 15.47 -3.84 -30.65
N LEU C 121 14.97 -2.84 -31.37
CA LEU C 121 13.53 -2.65 -31.52
C LEU C 121 12.84 -3.75 -32.34
N SER C 122 13.61 -4.75 -32.75
CA SER C 122 13.06 -5.96 -33.37
C SER C 122 12.34 -6.80 -32.33
N THR C 123 12.51 -6.47 -31.05
CA THR C 123 11.78 -7.16 -30.00
C THR C 123 10.32 -6.72 -30.00
N LEU C 124 10.01 -5.68 -30.77
CA LEU C 124 8.67 -5.12 -30.81
C LEU C 124 7.78 -5.73 -31.90
N THR C 125 8.38 -6.26 -32.97
CA THR C 125 7.59 -6.85 -34.05
C THR C 125 6.79 -8.06 -33.63
N GLY C 126 5.51 -8.06 -33.98
CA GLY C 126 4.61 -9.14 -33.59
C GLY C 126 4.05 -8.95 -32.21
N LYS C 127 4.49 -7.91 -31.50
CA LYS C 127 4.11 -7.70 -30.11
C LYS C 127 3.08 -6.59 -29.92
N ASN C 128 2.38 -6.63 -28.79
CA ASN C 128 1.50 -5.53 -28.39
C ASN C 128 2.27 -4.51 -27.57
N VAL C 129 2.63 -3.39 -28.17
CA VAL C 129 3.51 -2.42 -27.54
C VAL C 129 2.75 -1.33 -26.78
N LEU C 130 3.04 -1.21 -25.49
CA LEU C 130 2.47 -0.16 -24.67
C LEU C 130 3.59 0.82 -24.34
N ILE C 131 3.46 2.05 -24.81
CA ILE C 131 4.42 3.11 -24.46
C ILE C 131 3.88 3.91 -23.27
N VAL C 132 4.74 4.12 -22.28
CA VAL C 132 4.33 4.81 -21.06
C VAL C 132 5.12 6.10 -20.88
N GLU C 133 4.41 7.23 -21.00
CA GLU C 133 5.00 8.56 -20.85
C GLU C 133 4.50 9.23 -19.58
N ASP C 134 5.21 10.23 -19.11
CA ASP C 134 4.74 11.04 -17.98
C ASP C 134 3.80 12.14 -18.48
N ILE C 135 4.15 12.76 -19.59
CA ILE C 135 3.41 13.93 -20.06
C ILE C 135 3.44 14.13 -21.58
N ILE C 136 2.29 14.48 -22.15
CA ILE C 136 2.18 14.91 -23.54
C ILE C 136 1.93 16.41 -23.57
N ASP C 137 2.73 17.15 -24.33
CA ASP C 137 2.50 18.59 -24.47
C ASP C 137 2.07 18.95 -25.89
N THR C 138 3.04 19.24 -26.75
CA THR C 138 2.74 19.48 -28.16
C THR C 138 2.40 18.17 -28.86
N GLY C 139 2.93 17.06 -28.33
CA GLY C 139 2.68 15.75 -28.90
C GLY C 139 3.72 15.37 -29.94
N LYS C 140 4.67 16.26 -30.18
CA LYS C 140 5.72 16.02 -31.17
C LYS C 140 6.64 14.87 -30.77
N THR C 141 6.99 14.81 -29.49
CA THR C 141 7.86 13.74 -28.96
C THR C 141 7.25 12.37 -29.20
N MET C 142 5.94 12.24 -28.97
CA MET C 142 5.26 10.98 -29.22
C MET C 142 5.08 10.67 -30.70
N GLN C 143 4.78 11.70 -31.49
CA GLN C 143 4.66 11.56 -32.94
C GLN C 143 5.90 10.90 -33.54
N THR C 144 7.07 11.40 -33.17
CA THR C 144 8.34 10.88 -33.67
C THR C 144 8.57 9.44 -33.22
N LEU C 145 8.36 9.18 -31.92
CA LEU C 145 8.59 7.84 -31.37
C LEU C 145 7.70 6.78 -32.02
N LEU C 146 6.41 7.07 -32.12
CA LEU C 146 5.47 6.16 -32.78
C LEU C 146 5.92 5.81 -34.20
N SER C 147 6.48 6.80 -34.90
CA SER C 147 6.98 6.57 -36.25
C SER C 147 8.09 5.53 -36.24
N LEU C 148 9.08 5.72 -35.38
CA LEU C 148 10.20 4.78 -35.25
C LEU C 148 9.73 3.37 -34.86
N VAL C 149 8.68 3.31 -34.04
CA VAL C 149 8.15 2.03 -33.56
C VAL C 149 7.36 1.28 -34.64
N ARG C 150 6.52 2.00 -35.40
CA ARG C 150 5.65 1.38 -36.39
C ARG C 150 6.39 0.82 -37.60
N GLN C 151 7.65 1.22 -37.78
CA GLN C 151 8.49 0.68 -38.84
C GLN C 151 8.83 -0.78 -38.55
N TYR C 152 8.84 -1.15 -37.27
CA TYR C 152 9.14 -2.51 -36.86
C TYR C 152 7.89 -3.38 -36.84
N ASN C 153 6.79 -2.86 -37.39
CA ASN C 153 5.55 -3.61 -37.54
C ASN C 153 5.08 -4.39 -36.30
N PRO C 154 4.83 -3.68 -35.19
CA PRO C 154 4.30 -4.42 -34.03
C PRO C 154 2.84 -4.74 -34.28
N LYS C 155 2.29 -5.70 -33.53
CA LYS C 155 0.90 -6.08 -33.67
C LYS C 155 -0.01 -4.88 -33.39
N MET C 156 0.42 -4.05 -32.44
CA MET C 156 -0.37 -2.92 -31.96
C MET C 156 0.51 -2.00 -31.13
N VAL C 157 0.36 -0.68 -31.30
CA VAL C 157 1.00 0.29 -30.42
C VAL C 157 -0.04 1.18 -29.77
N LYS C 158 -0.02 1.22 -28.45
CA LYS C 158 -0.89 2.12 -27.70
C LYS C 158 -0.01 2.98 -26.81
N VAL C 159 -0.49 4.14 -26.41
CA VAL C 159 0.28 5.03 -25.55
C VAL C 159 -0.52 5.41 -24.31
N ALA C 160 0.10 5.24 -23.15
CA ALA C 160 -0.48 5.69 -21.90
C ALA C 160 0.34 6.85 -21.38
N SER C 161 -0.30 8.00 -21.18
CA SER C 161 0.39 9.13 -20.59
C SER C 161 -0.36 9.54 -19.33
N LEU C 162 0.39 9.72 -18.24
CA LEU C 162 -0.20 10.16 -16.98
C LEU C 162 -0.89 11.51 -17.13
N LEU C 163 -0.24 12.42 -17.84
CA LEU C 163 -0.78 13.77 -18.02
C LEU C 163 -0.85 14.14 -19.50
N VAL C 164 -1.93 14.82 -19.87
CA VAL C 164 -2.04 15.44 -21.18
C VAL C 164 -2.41 16.91 -20.99
N LYS C 165 -1.59 17.80 -21.55
CA LYS C 165 -1.82 19.22 -21.43
C LYS C 165 -2.78 19.74 -22.49
N ARG C 166 -3.67 20.63 -22.08
CA ARG C 166 -4.45 21.41 -23.02
C ARG C 166 -3.59 22.60 -23.45
N THR C 167 -3.27 22.65 -24.74
CA THR C 167 -2.36 23.65 -25.26
C THR C 167 -2.66 23.97 -26.72
N PRO C 168 -2.59 25.26 -27.10
CA PRO C 168 -2.78 25.66 -28.50
C PRO C 168 -1.60 25.26 -29.38
N ARG C 169 -0.73 24.40 -28.84
CA ARG C 169 0.47 23.96 -29.56
C ARG C 169 0.42 22.48 -29.94
N SER C 170 -0.63 21.78 -29.53
CA SER C 170 -0.75 20.36 -29.85
C SER C 170 -0.92 20.15 -31.35
N VAL C 171 -0.11 19.23 -31.90
CA VAL C 171 -0.16 18.92 -33.32
C VAL C 171 -1.36 18.03 -33.64
N GLY C 172 -2.19 17.80 -32.63
CA GLY C 172 -3.39 17.01 -32.79
C GLY C 172 -3.29 15.64 -32.16
N TYR C 173 -2.11 15.27 -31.70
CA TYR C 173 -1.92 13.92 -31.17
C TYR C 173 -2.58 13.71 -29.80
N LYS C 174 -3.16 12.53 -29.63
CA LYS C 174 -3.80 12.16 -28.36
C LYS C 174 -3.48 10.69 -28.03
N PRO C 175 -3.09 10.42 -26.77
CA PRO C 175 -2.82 9.03 -26.36
C PRO C 175 -4.08 8.17 -26.29
N ASP C 176 -3.89 6.86 -26.14
CA ASP C 176 -5.00 5.93 -26.02
C ASP C 176 -5.47 5.84 -24.56
N PHE C 177 -4.54 6.05 -23.63
CA PHE C 177 -4.85 6.06 -22.21
C PHE C 177 -4.30 7.33 -21.56
N VAL C 178 -5.18 8.05 -20.86
CA VAL C 178 -4.82 9.32 -20.23
C VAL C 178 -5.22 9.32 -18.75
N GLY C 179 -4.27 9.65 -17.89
CA GLY C 179 -4.58 9.78 -16.48
C GLY C 179 -5.37 11.06 -16.23
N PHE C 180 -4.74 12.20 -16.49
CA PHE C 180 -5.33 13.50 -16.19
C PHE C 180 -5.13 14.47 -17.36
N GLU C 181 -6.17 15.21 -17.72
CA GLU C 181 -6.02 16.31 -18.67
C GLU C 181 -5.89 17.61 -17.87
N ILE C 182 -4.71 18.23 -17.95
CA ILE C 182 -4.38 19.39 -17.12
C ILE C 182 -4.22 20.66 -17.97
N PRO C 183 -4.31 21.84 -17.32
CA PRO C 183 -4.00 23.08 -18.04
C PRO C 183 -2.50 23.20 -18.32
N ASP C 184 -2.11 24.16 -19.15
CA ASP C 184 -0.70 24.37 -19.44
C ASP C 184 0.02 25.11 -18.31
N LYS C 185 0.13 24.45 -17.16
CA LYS C 185 0.96 24.93 -16.06
C LYS C 185 2.18 24.02 -15.97
N PHE C 186 3.27 24.53 -15.40
CA PHE C 186 4.45 23.70 -15.21
C PHE C 186 4.34 22.94 -13.89
N VAL C 187 4.27 21.62 -13.98
CA VAL C 187 4.08 20.78 -12.81
C VAL C 187 5.32 19.93 -12.56
N VAL C 188 5.51 19.53 -11.31
CA VAL C 188 6.64 18.67 -10.96
C VAL C 188 6.16 17.61 -9.99
N GLY C 189 7.00 16.62 -9.72
CA GLY C 189 6.67 15.57 -8.77
C GLY C 189 6.25 14.30 -9.46
N TYR C 190 6.23 13.20 -8.72
CA TYR C 190 5.89 11.89 -9.27
C TYR C 190 6.76 11.62 -10.49
N ALA C 191 8.08 11.81 -10.31
CA ALA C 191 9.11 11.61 -11.34
C ALA C 191 9.26 12.73 -12.37
N LEU C 192 8.30 13.66 -12.40
CA LEU C 192 8.43 14.83 -13.26
C LEU C 192 9.40 15.84 -12.63
N ASP C 193 10.26 16.44 -13.45
CA ASP C 193 11.39 17.19 -12.91
C ASP C 193 11.48 18.66 -13.35
N TYR C 194 12.18 19.45 -12.55
CA TYR C 194 12.65 20.76 -12.97
C TYR C 194 14.15 20.77 -12.72
N ASN C 195 14.94 20.78 -13.80
CA ASN C 195 16.39 20.64 -13.71
CA ASN C 195 16.38 20.66 -13.70
C ASN C 195 16.80 19.48 -12.81
N GLU C 196 16.19 18.32 -13.07
CA GLU C 196 16.45 17.07 -12.33
C GLU C 196 15.92 17.04 -10.89
N TYR C 197 15.43 18.18 -10.41
CA TYR C 197 14.86 18.22 -9.06
C TYR C 197 13.37 17.85 -9.05
N PHE C 198 12.84 17.58 -7.85
CA PHE C 198 11.43 17.26 -7.63
C PHE C 198 10.96 15.88 -8.12
N ARG C 199 11.88 15.06 -8.64
CA ARG C 199 11.52 13.70 -9.01
C ARG C 199 11.20 12.89 -7.75
N ASP C 200 11.88 13.23 -6.65
CA ASP C 200 11.72 12.54 -5.38
C ASP C 200 10.56 13.13 -4.58
N LEU C 201 9.40 13.24 -5.22
CA LEU C 201 8.21 13.81 -4.61
C LEU C 201 7.01 13.00 -5.09
N ASN C 202 6.19 12.53 -4.17
CA ASN C 202 5.10 11.63 -4.54
C ASN C 202 3.89 12.32 -5.19
N HIS C 203 3.62 13.56 -4.79
CA HIS C 203 2.51 14.30 -5.38
C HIS C 203 2.95 15.03 -6.64
N VAL C 204 2.01 15.32 -7.52
CA VAL C 204 2.26 16.27 -8.61
C VAL C 204 1.95 17.66 -8.04
N CYS C 205 2.88 18.59 -8.21
CA CYS C 205 2.75 19.90 -7.58
C CYS C 205 3.09 21.02 -8.55
N VAL C 206 2.67 22.24 -8.22
CA VAL C 206 3.08 23.42 -8.98
C VAL C 206 4.27 24.07 -8.29
N ILE C 207 5.27 24.43 -9.08
CA ILE C 207 6.53 24.96 -8.57
C ILE C 207 6.40 26.44 -8.18
N SER C 208 6.94 26.81 -7.02
CA SER C 208 6.90 28.21 -6.60
C SER C 208 7.91 29.04 -7.38
N GLU C 209 7.82 30.35 -7.26
CA GLU C 209 8.75 31.24 -7.94
C GLU C 209 10.15 31.13 -7.34
N THR C 210 10.22 31.08 -6.02
CA THR C 210 11.49 30.94 -5.31
C THR C 210 12.13 29.58 -5.59
N GLY C 211 11.30 28.55 -5.72
CA GLY C 211 11.79 27.23 -6.08
C GLY C 211 12.37 27.24 -7.48
N LYS C 212 11.73 28.00 -8.37
CA LYS C 212 12.15 28.09 -9.77
C LYS C 212 13.47 28.83 -9.90
N ALA C 213 13.70 29.81 -9.03
CA ALA C 213 14.94 30.58 -9.04
C ALA C 213 16.09 29.82 -8.36
N LYS C 214 15.75 29.04 -7.34
CA LYS C 214 16.72 28.30 -6.54
C LYS C 214 17.31 27.10 -7.27
N TYR C 215 16.50 26.47 -8.12
CA TYR C 215 16.95 25.30 -8.86
C TYR C 215 17.20 25.59 -10.34
N LYS C 216 17.19 26.86 -10.71
CA LYS C 216 17.50 27.24 -12.09
C LYS C 216 18.96 26.90 -12.36
N ALA C 217 19.28 26.54 -13.60
CA ALA C 217 20.66 26.23 -13.96
C ALA C 217 21.49 27.49 -14.13
N SER D 4 -6.98 24.79 11.62
CA SER D 4 -7.17 24.14 10.34
C SER D 4 -8.50 23.40 10.24
N PRO D 5 -9.35 23.81 9.29
CA PRO D 5 -10.63 23.12 9.03
C PRO D 5 -10.45 21.88 8.16
N GLY D 6 -9.19 21.55 7.84
CA GLY D 6 -8.90 20.40 7.00
C GLY D 6 -9.07 20.75 5.53
N VAL D 7 -9.17 19.74 4.68
CA VAL D 7 -9.35 19.97 3.24
C VAL D 7 -10.78 20.42 2.96
N VAL D 8 -10.94 21.65 2.47
CA VAL D 8 -12.26 22.21 2.23
C VAL D 8 -12.85 21.80 0.88
N ILE D 9 -13.97 21.08 0.93
CA ILE D 9 -14.70 20.75 -0.28
C ILE D 9 -15.93 21.65 -0.38
N SER D 10 -15.97 22.49 -1.43
CA SER D 10 -17.02 23.50 -1.55
C SER D 10 -18.38 22.91 -1.92
N ASP D 11 -19.43 23.70 -1.74
CA ASP D 11 -20.80 23.29 -2.03
C ASP D 11 -20.99 22.86 -3.49
N ASP D 12 -20.20 23.44 -4.38
CA ASP D 12 -20.38 23.23 -5.81
C ASP D 12 -19.32 22.32 -6.45
N GLU D 13 -18.56 21.60 -5.62
CA GLU D 13 -17.67 20.57 -6.11
C GLU D 13 -18.48 19.49 -6.80
N PRO D 14 -18.21 19.26 -8.10
CA PRO D 14 -18.98 18.30 -8.88
C PRO D 14 -18.57 16.86 -8.61
N GLY D 15 -17.41 16.66 -8.01
CA GLY D 15 -16.89 15.32 -7.79
C GLY D 15 -16.36 14.71 -9.07
N TYR D 16 -16.26 13.39 -9.09
CA TYR D 16 -15.68 12.70 -10.25
C TYR D 16 -16.62 11.68 -10.90
N ASP D 17 -16.61 11.66 -12.23
CA ASP D 17 -17.32 10.64 -13.01
C ASP D 17 -16.87 9.25 -12.56
N LEU D 18 -17.85 8.35 -12.39
CA LEU D 18 -17.59 7.00 -11.90
C LEU D 18 -16.71 6.19 -12.86
N ASP D 19 -16.85 6.45 -14.16
CA ASP D 19 -16.11 5.72 -15.19
C ASP D 19 -14.61 5.99 -15.14
N LEU D 20 -14.20 6.98 -14.36
CA LEU D 20 -12.79 7.34 -14.25
C LEU D 20 -12.07 6.50 -13.19
N PHE D 21 -12.82 5.77 -12.39
CA PHE D 21 -12.25 5.00 -11.29
C PHE D 21 -12.74 3.56 -11.26
N CYS D 22 -12.10 2.73 -10.44
CA CYS D 22 -12.57 1.37 -10.21
C CYS D 22 -13.63 1.41 -9.12
N ILE D 23 -14.84 0.99 -9.48
CA ILE D 23 -16.00 1.04 -8.58
C ILE D 23 -16.53 -0.38 -8.41
N PRO D 24 -16.88 -0.79 -7.18
CA PRO D 24 -17.52 -2.10 -6.98
C PRO D 24 -18.72 -2.28 -7.91
N ASN D 25 -18.71 -3.37 -8.67
CA ASN D 25 -19.68 -3.56 -9.75
C ASN D 25 -21.14 -3.60 -9.30
N HIS D 26 -21.39 -4.08 -8.08
CA HIS D 26 -22.75 -4.18 -7.57
C HIS D 26 -23.33 -2.82 -7.16
N TYR D 27 -22.48 -1.80 -7.17
CA TYR D 27 -22.90 -0.44 -6.83
C TYR D 27 -22.87 0.50 -8.04
N ALA D 28 -22.69 -0.06 -9.23
CA ALA D 28 -22.54 0.74 -10.45
C ALA D 28 -23.69 1.72 -10.70
N GLU D 29 -24.91 1.24 -10.53
CA GLU D 29 -26.10 2.06 -10.74
C GLU D 29 -26.54 2.78 -9.47
N ASP D 30 -25.97 2.39 -8.34
CA ASP D 30 -26.41 2.88 -7.04
C ASP D 30 -25.68 4.16 -6.62
N LEU D 31 -24.67 4.56 -7.39
CA LEU D 31 -23.88 5.75 -7.07
C LEU D 31 -24.04 6.84 -8.14
N GLU D 32 -23.88 8.10 -7.72
CA GLU D 32 -23.98 9.21 -8.64
C GLU D 32 -22.61 9.71 -9.06
N ARG D 33 -21.79 10.07 -8.08
CA ARG D 33 -20.46 10.60 -8.35
C ARG D 33 -19.49 10.11 -7.27
N VAL D 34 -18.20 10.09 -7.59
CA VAL D 34 -17.18 9.90 -6.57
C VAL D 34 -16.91 11.26 -5.94
N PHE D 35 -16.97 11.33 -4.61
CA PHE D 35 -16.85 12.61 -3.94
C PHE D 35 -15.45 12.87 -3.40
N ILE D 36 -14.90 11.88 -2.70
CA ILE D 36 -13.52 11.94 -2.27
C ILE D 36 -12.89 10.60 -2.59
N PRO D 37 -11.97 10.58 -3.58
CA PRO D 37 -11.28 9.34 -3.93
C PRO D 37 -10.50 8.77 -2.76
N HIS D 38 -10.47 7.45 -2.65
CA HIS D 38 -9.79 6.73 -1.57
C HIS D 38 -8.35 7.22 -1.36
N GLY D 39 -7.62 7.37 -2.46
CA GLY D 39 -6.23 7.81 -2.39
C GLY D 39 -6.06 9.19 -1.77
N LEU D 40 -7.01 10.08 -2.04
CA LEU D 40 -6.99 11.40 -1.45
C LEU D 40 -7.18 11.30 0.06
N ILE D 41 -8.04 10.38 0.48
CA ILE D 41 -8.25 10.11 1.89
C ILE D 41 -6.95 9.62 2.53
N MET D 42 -6.25 8.72 1.83
CA MET D 42 -4.98 8.20 2.32
C MET D 42 -3.93 9.31 2.55
N ASP D 43 -3.76 10.17 1.55
CA ASP D 43 -2.78 11.26 1.64
C ASP D 43 -3.09 12.21 2.79
N ARG D 44 -4.36 12.56 2.96
CA ARG D 44 -4.78 13.44 4.05
C ARG D 44 -4.57 12.75 5.39
N THR D 45 -4.92 11.47 5.44
CA THR D 45 -4.76 10.67 6.65
C THR D 45 -3.29 10.56 7.08
N GLU D 46 -2.38 10.51 6.12
CA GLU D 46 -0.94 10.44 6.43
C GLU D 46 -0.49 11.69 7.18
N ARG D 47 -0.94 12.85 6.75
CA ARG D 47 -0.61 14.10 7.44
C ARG D 47 -1.27 14.16 8.81
N LEU D 48 -2.51 13.69 8.90
CA LEU D 48 -3.23 13.68 10.17
C LEU D 48 -2.47 12.84 11.20
N ALA D 49 -1.91 11.73 10.74
CA ALA D 49 -1.13 10.86 11.62
C ALA D 49 0.06 11.59 12.22
N ARG D 50 0.73 12.41 11.39
CA ARG D 50 1.86 13.18 11.87
C ARG D 50 1.38 14.28 12.81
N ASP D 51 0.26 14.91 12.46
CA ASP D 51 -0.33 15.93 13.33
C ASP D 51 -0.66 15.34 14.70
N VAL D 52 -1.21 14.13 14.70
CA VAL D 52 -1.59 13.45 15.93
C VAL D 52 -0.38 13.14 16.84
N MET D 53 0.66 12.53 16.26
CA MET D 53 1.86 12.25 17.04
CA MET D 53 1.90 12.26 16.99
C MET D 53 2.49 13.52 17.60
N LYS D 54 2.48 14.60 16.84
CA LYS D 54 3.02 15.88 17.28
C LYS D 54 2.35 16.34 18.57
N GLU D 55 1.04 16.17 18.65
CA GLU D 55 0.28 16.66 19.80
C GLU D 55 0.16 15.62 20.91
N MET D 56 0.11 14.34 20.55
CA MET D 56 -0.24 13.30 21.52
C MET D 56 0.85 12.27 21.79
N GLY D 57 1.98 12.36 21.09
CA GLY D 57 3.00 11.33 21.16
C GLY D 57 3.87 11.35 22.40
N GLY D 58 3.56 12.24 23.35
CA GLY D 58 4.36 12.35 24.56
C GLY D 58 4.00 11.36 25.64
N HIS D 59 2.88 10.64 25.45
CA HIS D 59 2.42 9.71 26.47
C HIS D 59 1.56 8.62 25.86
N HIS D 60 1.49 7.47 26.54
CA HIS D 60 0.68 6.32 26.13
C HIS D 60 -0.67 6.77 25.57
N ILE D 61 -0.92 6.39 24.32
CA ILE D 61 -2.17 6.74 23.65
C ILE D 61 -3.15 5.57 23.66
N VAL D 62 -4.39 5.85 24.04
CA VAL D 62 -5.49 4.91 23.84
C VAL D 62 -6.32 5.41 22.67
N ALA D 63 -6.32 4.67 21.56
CA ALA D 63 -7.10 5.04 20.39
C ALA D 63 -8.48 4.36 20.45
N LEU D 64 -9.52 5.19 20.45
CA LEU D 64 -10.89 4.71 20.59
C LEU D 64 -11.63 4.79 19.25
N CYS D 65 -11.99 3.65 18.70
CA CYS D 65 -12.71 3.61 17.43
C CYS D 65 -14.21 3.66 17.66
N VAL D 66 -14.89 4.62 17.03
CA VAL D 66 -16.34 4.67 17.12
C VAL D 66 -16.96 3.86 15.97
N LEU D 67 -17.35 2.63 16.28
CA LEU D 67 -17.96 1.73 15.31
C LEU D 67 -19.35 2.25 14.91
N LYS D 68 -19.84 1.92 13.71
CA LYS D 68 -19.11 1.11 12.72
C LYS D 68 -18.33 1.96 11.74
N GLY D 69 -18.87 3.14 11.42
CA GLY D 69 -18.35 3.95 10.33
C GLY D 69 -16.93 4.44 10.51
N GLY D 70 -16.44 4.41 11.75
CA GLY D 70 -15.12 4.90 12.04
C GLY D 70 -14.01 3.89 11.79
N TYR D 71 -14.38 2.64 11.50
CA TYR D 71 -13.40 1.55 11.46
C TYR D 71 -12.34 1.65 10.36
N LYS D 72 -12.72 2.11 9.17
CA LYS D 72 -11.76 2.25 8.08
C LYS D 72 -10.75 3.35 8.36
N PHE D 73 -11.25 4.53 8.71
CA PHE D 73 -10.42 5.68 9.05
C PHE D 73 -9.51 5.33 10.21
N PHE D 74 -10.06 4.58 11.17
CA PHE D 74 -9.33 4.16 12.35
C PHE D 74 -8.15 3.25 11.99
N ALA D 75 -8.42 2.25 11.17
CA ALA D 75 -7.40 1.27 10.79
C ALA D 75 -6.28 1.94 10.00
N ASP D 76 -6.64 2.81 9.06
CA ASP D 76 -5.65 3.48 8.23
C ASP D 76 -4.87 4.57 8.96
N LEU D 77 -5.54 5.30 9.85
CA LEU D 77 -4.86 6.32 10.64
C LEU D 77 -3.82 5.67 11.55
N LEU D 78 -4.21 4.58 12.20
CA LEU D 78 -3.29 3.85 13.08
C LEU D 78 -2.13 3.23 12.30
N ASP D 79 -2.40 2.80 11.08
CA ASP D 79 -1.35 2.24 10.24
C ASP D 79 -0.28 3.30 9.94
N TYR D 80 -0.71 4.52 9.67
CA TYR D 80 0.21 5.62 9.41
C TYR D 80 0.97 6.01 10.68
N ILE D 81 0.28 5.97 11.81
CA ILE D 81 0.91 6.26 13.10
C ILE D 81 1.98 5.22 13.42
N LYS D 82 1.66 3.94 13.19
CA LYS D 82 2.63 2.86 13.41
C LYS D 82 3.83 2.98 12.48
N ALA D 83 3.60 3.45 11.26
CA ALA D 83 4.68 3.67 10.31
C ALA D 83 5.63 4.73 10.85
N LEU D 84 5.08 5.77 11.45
CA LEU D 84 5.88 6.81 12.09
C LEU D 84 6.65 6.23 13.28
N ASN D 85 6.01 5.35 14.03
CA ASN D 85 6.58 4.82 15.27
C ASN D 85 7.72 3.81 15.07
N ARG D 86 7.78 3.16 13.92
CA ARG D 86 8.82 2.16 13.67
C ARG D 86 9.93 2.73 12.79
N ASN D 87 9.83 4.02 12.47
CA ASN D 87 10.84 4.67 11.64
C ASN D 87 11.35 5.94 12.29
N SER D 88 11.03 6.12 13.57
CA SER D 88 11.48 7.28 14.33
C SER D 88 12.41 6.84 15.44
N ASP D 89 13.24 7.76 15.93
CA ASP D 89 14.19 7.45 16.99
C ASP D 89 13.50 6.99 18.28
N ARG D 90 12.44 7.68 18.68
CA ARG D 90 11.64 7.28 19.84
C ARG D 90 10.14 7.39 19.59
N SER D 91 9.39 6.55 20.30
CA SER D 91 7.96 6.39 20.06
C SER D 91 7.22 6.10 21.37
N ILE D 92 5.92 5.86 21.27
CA ILE D 92 5.12 5.54 22.46
C ILE D 92 4.19 4.36 22.21
N PRO D 93 3.95 3.55 23.25
CA PRO D 93 2.96 2.47 23.17
C PRO D 93 1.56 3.01 22.89
N MET D 94 0.82 2.31 22.04
CA MET D 94 -0.59 2.64 21.80
C MET D 94 -1.45 1.40 22.03
N THR D 95 -2.53 1.57 22.78
CA THR D 95 -3.54 0.53 22.96
C THR D 95 -4.83 0.98 22.28
N VAL D 96 -5.68 0.02 21.93
CA VAL D 96 -6.89 0.33 21.18
C VAL D 96 -8.12 -0.27 21.85
N ASP D 97 -9.26 0.39 21.64
CA ASP D 97 -10.54 -0.14 22.08
C ASP D 97 -11.62 0.29 21.09
N PHE D 98 -12.78 -0.36 21.16
CA PHE D 98 -13.85 -0.12 20.19
C PHE D 98 -15.16 0.09 20.92
N ILE D 99 -15.86 1.17 20.59
CA ILE D 99 -17.15 1.45 21.21
C ILE D 99 -18.23 1.74 20.18
N ARG D 100 -19.47 1.46 20.55
CA ARG D 100 -20.63 1.89 19.78
C ARG D 100 -21.39 2.92 20.62
N LEU D 101 -21.97 3.91 19.95
CA LEU D 101 -22.80 4.88 20.65
C LEU D 101 -24.27 4.64 20.31
N LYS D 102 -25.09 4.43 21.34
CA LYS D 102 -26.52 4.19 21.16
C LYS D 102 -27.34 5.39 21.62
N VAL D 115 -22.84 4.35 25.78
CA VAL D 115 -21.63 3.68 25.30
C VAL D 115 -21.78 2.18 25.41
N ILE D 116 -21.77 1.49 24.27
CA ILE D 116 -21.95 0.03 24.25
C ILE D 116 -20.65 -0.66 23.86
N GLY D 117 -20.32 -1.74 24.56
CA GLY D 117 -19.06 -2.41 24.35
C GLY D 117 -17.94 -1.66 25.04
N GLY D 118 -16.71 -1.91 24.61
CA GLY D 118 -15.55 -1.24 25.17
C GLY D 118 -15.13 -1.82 26.50
N ASP D 119 -13.90 -1.50 26.91
CA ASP D 119 -13.40 -1.89 28.21
C ASP D 119 -13.96 -0.94 29.25
N ASP D 120 -13.74 -1.24 30.53
CA ASP D 120 -14.06 -0.30 31.59
C ASP D 120 -13.34 1.00 31.29
N LEU D 121 -14.03 2.13 31.43
CA LEU D 121 -13.45 3.41 31.07
C LEU D 121 -12.32 3.86 32.01
N SER D 122 -12.10 3.11 33.09
CA SER D 122 -10.96 3.38 33.97
C SER D 122 -9.63 3.13 33.25
N THR D 123 -9.68 2.38 32.15
CA THR D 123 -8.51 2.16 31.31
C THR D 123 -8.08 3.44 30.61
N LEU D 124 -8.96 4.45 30.60
CA LEU D 124 -8.68 5.74 29.98
C LEU D 124 -7.93 6.67 30.94
N THR D 125 -7.99 6.36 32.23
CA THR D 125 -7.41 7.22 33.26
C THR D 125 -5.90 7.38 33.11
N GLY D 126 -5.47 8.62 32.92
CA GLY D 126 -4.05 8.94 32.86
C GLY D 126 -3.43 8.73 31.49
N LYS D 127 -4.27 8.58 30.47
CA LYS D 127 -3.79 8.30 29.11
C LYS D 127 -4.14 9.42 28.14
N ASN D 128 -3.39 9.50 27.04
CA ASN D 128 -3.76 10.39 25.94
C ASN D 128 -4.82 9.72 25.07
N VAL D 129 -6.07 10.06 25.29
CA VAL D 129 -7.18 9.40 24.59
C VAL D 129 -7.48 10.02 23.24
N LEU D 130 -7.37 9.22 22.19
CA LEU D 130 -7.70 9.67 20.84
C LEU D 130 -9.02 9.05 20.42
N ILE D 131 -10.04 9.88 20.23
CA ILE D 131 -11.32 9.38 19.75
C ILE D 131 -11.40 9.53 18.23
N VAL D 132 -11.69 8.43 17.55
CA VAL D 132 -11.69 8.41 16.08
C VAL D 132 -13.09 8.20 15.52
N GLU D 133 -13.60 9.20 14.82
CA GLU D 133 -14.96 9.19 14.31
C GLU D 133 -14.94 9.24 12.78
N ASP D 134 -16.03 8.82 12.15
CA ASP D 134 -16.14 8.95 10.70
C ASP D 134 -16.64 10.35 10.31
N ILE D 135 -17.67 10.84 11.00
CA ILE D 135 -18.27 12.10 10.63
C ILE D 135 -18.85 12.90 11.81
N ILE D 136 -18.57 14.20 11.83
CA ILE D 136 -19.21 15.13 12.75
C ILE D 136 -20.28 15.91 11.99
N ASP D 137 -21.49 15.96 12.53
CA ASP D 137 -22.57 16.76 11.93
C ASP D 137 -22.92 17.94 12.84
N THR D 138 -23.80 17.69 13.82
CA THR D 138 -24.15 18.71 14.80
C THR D 138 -23.10 18.81 15.89
N GLY D 139 -22.42 17.69 16.15
CA GLY D 139 -21.39 17.66 17.17
C GLY D 139 -21.89 17.18 18.51
N LYS D 140 -23.19 16.94 18.61
CA LYS D 140 -23.82 16.53 19.87
C LYS D 140 -23.31 15.17 20.37
N THR D 141 -23.10 14.24 19.44
CA THR D 141 -22.61 12.91 19.79
C THR D 141 -21.24 12.99 20.47
N MET D 142 -20.35 13.84 19.95
CA MET D 142 -19.02 13.97 20.50
CA MET D 142 -19.02 13.97 20.51
C MET D 142 -19.00 14.73 21.83
N GLN D 143 -19.79 15.81 21.90
CA GLN D 143 -19.87 16.60 23.13
C GLN D 143 -20.29 15.72 24.30
N THR D 144 -21.30 14.89 24.06
CA THR D 144 -21.81 13.94 25.03
C THR D 144 -20.71 12.99 25.47
N LEU D 145 -20.09 12.32 24.50
CA LEU D 145 -19.02 11.38 24.77
C LEU D 145 -17.86 12.02 25.52
N LEU D 146 -17.48 13.23 25.09
CA LEU D 146 -16.40 13.95 25.74
C LEU D 146 -16.71 14.24 27.22
N SER D 147 -17.94 14.65 27.50
CA SER D 147 -18.32 14.96 28.88
C SER D 147 -18.34 13.72 29.77
N LEU D 148 -18.53 12.55 29.17
CA LEU D 148 -18.40 11.30 29.91
C LEU D 148 -16.92 10.91 30.12
N VAL D 149 -16.16 10.96 29.04
CA VAL D 149 -14.76 10.55 29.07
C VAL D 149 -13.92 11.34 30.08
N ARG D 150 -14.17 12.64 30.18
CA ARG D 150 -13.43 13.51 31.09
C ARG D 150 -13.54 13.08 32.55
N GLN D 151 -14.64 12.41 32.90
CA GLN D 151 -14.88 12.02 34.28
C GLN D 151 -14.05 10.81 34.69
N TYR D 152 -13.35 10.22 33.71
CA TYR D 152 -12.40 9.15 33.99
C TYR D 152 -10.99 9.71 34.01
N ASN D 153 -10.93 11.04 33.93
CA ASN D 153 -9.68 11.78 34.09
CA ASN D 153 -9.68 11.78 34.09
C ASN D 153 -8.55 11.30 33.19
N PRO D 154 -8.70 11.49 31.87
CA PRO D 154 -7.56 11.13 31.01
C PRO D 154 -6.52 12.22 31.09
N LYS D 155 -5.29 11.92 30.67
CA LYS D 155 -4.24 12.94 30.60
C LYS D 155 -4.67 14.03 29.63
N MET D 156 -5.21 13.61 28.50
CA MET D 156 -5.81 14.51 27.53
C MET D 156 -6.80 13.69 26.70
N VAL D 157 -7.73 14.38 26.06
CA VAL D 157 -8.66 13.71 25.15
C VAL D 157 -8.86 14.54 23.89
N LYS D 158 -8.69 13.91 22.74
CA LYS D 158 -8.77 14.59 21.45
C LYS D 158 -9.67 13.80 20.51
N VAL D 159 -10.24 14.49 19.53
CA VAL D 159 -11.11 13.84 18.56
C VAL D 159 -10.58 14.01 17.15
N ALA D 160 -10.45 12.91 16.44
CA ALA D 160 -10.14 12.95 15.02
C ALA D 160 -11.35 12.48 14.24
N SER D 161 -11.85 13.32 13.36
CA SER D 161 -12.96 12.96 12.49
C SER D 161 -12.52 13.06 11.04
N LEU D 162 -12.84 12.06 10.25
CA LEU D 162 -12.50 12.08 8.83
C LEU D 162 -13.24 13.22 8.13
N LEU D 163 -14.52 13.32 8.43
CA LEU D 163 -15.38 14.32 7.79
C LEU D 163 -16.03 15.24 8.82
N VAL D 164 -16.17 16.51 8.46
CA VAL D 164 -16.96 17.45 9.26
C VAL D 164 -17.92 18.17 8.32
N LYS D 165 -19.20 18.20 8.69
CA LYS D 165 -20.21 18.82 7.85
C LYS D 165 -20.41 20.31 8.13
N ARG D 166 -20.50 21.10 7.07
CA ARG D 166 -20.94 22.48 7.21
C ARG D 166 -22.46 22.48 7.27
N THR D 167 -23.00 22.76 8.44
CA THR D 167 -24.43 22.70 8.68
C THR D 167 -24.81 23.85 9.62
N PRO D 168 -26.05 24.37 9.50
CA PRO D 168 -26.51 25.34 10.49
C PRO D 168 -26.72 24.65 11.82
N ARG D 169 -27.01 23.35 11.75
CA ARG D 169 -27.29 22.52 12.92
C ARG D 169 -26.13 22.35 13.89
N SER D 170 -24.97 22.91 13.56
CA SER D 170 -23.80 22.77 14.43
C SER D 170 -23.98 23.53 15.75
N VAL D 171 -23.77 22.81 16.85
CA VAL D 171 -23.77 23.41 18.19
C VAL D 171 -22.44 24.11 18.41
N GLY D 172 -21.57 23.99 17.41
CA GLY D 172 -20.30 24.70 17.42
C GLY D 172 -19.15 23.84 17.88
N TYR D 173 -19.35 22.53 17.97
CA TYR D 173 -18.23 21.65 18.30
C TYR D 173 -17.34 21.39 17.10
N LYS D 174 -16.05 21.63 17.28
CA LYS D 174 -15.05 21.32 16.26
C LYS D 174 -14.07 20.30 16.81
N PRO D 175 -13.80 19.24 16.05
CA PRO D 175 -12.81 18.27 16.53
C PRO D 175 -11.39 18.82 16.41
N ASP D 176 -10.43 18.14 17.03
CA ASP D 176 -9.05 18.60 17.04
C ASP D 176 -8.34 18.26 15.73
N PHE D 177 -8.73 17.15 15.13
CA PHE D 177 -8.17 16.75 13.84
C PHE D 177 -9.31 16.51 12.84
N VAL D 178 -9.22 17.15 11.68
CA VAL D 178 -10.25 17.03 10.64
C VAL D 178 -9.62 16.65 9.31
N GLY D 179 -10.15 15.62 8.66
CA GLY D 179 -9.69 15.26 7.34
C GLY D 179 -10.22 16.22 6.29
N PHE D 180 -11.54 16.25 6.15
CA PHE D 180 -12.18 17.03 5.09
C PHE D 180 -13.40 17.76 5.65
N GLU D 181 -13.58 19.02 5.26
CA GLU D 181 -14.81 19.74 5.56
C GLU D 181 -15.71 19.71 4.33
N ILE D 182 -16.88 19.08 4.46
CA ILE D 182 -17.74 18.82 3.32
C ILE D 182 -19.05 19.57 3.41
N PRO D 183 -19.74 19.76 2.27
CA PRO D 183 -21.06 20.40 2.36
C PRO D 183 -22.10 19.52 3.03
N ASP D 184 -23.32 20.06 3.19
CA ASP D 184 -24.40 19.30 3.79
C ASP D 184 -25.03 18.36 2.78
N LYS D 185 -24.29 17.32 2.43
CA LYS D 185 -24.83 16.27 1.59
C LYS D 185 -24.65 14.94 2.29
N PHE D 186 -25.51 13.99 1.97
CA PHE D 186 -25.34 12.64 2.50
C PHE D 186 -24.33 11.90 1.64
N VAL D 187 -23.28 11.39 2.28
CA VAL D 187 -22.24 10.66 1.57
C VAL D 187 -22.16 9.22 2.06
N VAL D 188 -21.63 8.34 1.23
CA VAL D 188 -21.42 6.95 1.63
C VAL D 188 -20.01 6.51 1.21
N GLY D 189 -19.59 5.33 1.67
CA GLY D 189 -18.29 4.81 1.31
C GLY D 189 -17.24 4.98 2.39
N TYR D 190 -16.14 4.25 2.27
CA TYR D 190 -15.07 4.24 3.27
C TYR D 190 -15.67 3.98 4.65
N ALA D 191 -16.53 2.94 4.72
CA ALA D 191 -17.23 2.50 5.93
C ALA D 191 -18.47 3.31 6.34
N LEU D 192 -18.71 4.46 5.70
CA LEU D 192 -19.95 5.21 5.93
C LEU D 192 -21.09 4.54 5.19
N ASP D 193 -22.21 4.32 5.88
CA ASP D 193 -23.28 3.48 5.34
C ASP D 193 -24.58 4.21 5.03
N TYR D 194 -25.36 3.60 4.16
CA TYR D 194 -26.77 3.94 4.00
C TYR D 194 -27.55 2.64 4.24
N ASN D 195 -28.14 2.54 5.43
CA ASN D 195 -28.77 1.30 5.88
C ASN D 195 -27.85 0.08 5.75
N GLU D 196 -26.65 0.22 6.31
CA GLU D 196 -25.63 -0.84 6.35
C GLU D 196 -24.96 -1.14 5.00
N TYR D 197 -25.42 -0.52 3.93
CA TYR D 197 -24.79 -0.68 2.62
C TYR D 197 -23.72 0.38 2.37
N PHE D 198 -22.85 0.12 1.40
CA PHE D 198 -21.77 1.02 0.98
C PHE D 198 -20.57 1.09 1.93
N ARG D 199 -20.56 0.25 2.98
CA ARG D 199 -19.37 0.20 3.83
C ARG D 199 -18.23 -0.48 3.08
N ASP D 200 -18.59 -1.39 2.16
CA ASP D 200 -17.62 -2.11 1.35
C ASP D 200 -17.26 -1.32 0.10
N LEU D 201 -16.85 -0.07 0.30
CA LEU D 201 -16.52 0.84 -0.79
C LEU D 201 -15.38 1.73 -0.32
N ASN D 202 -14.30 1.81 -1.10
CA ASN D 202 -13.13 2.58 -0.67
C ASN D 202 -13.23 4.10 -0.84
N HIS D 203 -13.98 4.54 -1.84
CA HIS D 203 -14.15 5.97 -2.07
C HIS D 203 -15.31 6.49 -1.23
N VAL D 204 -15.29 7.79 -0.90
CA VAL D 204 -16.48 8.45 -0.40
C VAL D 204 -17.25 8.93 -1.62
N CYS D 205 -18.53 8.59 -1.68
CA CYS D 205 -19.34 8.88 -2.86
C CYS D 205 -20.73 9.38 -2.49
N VAL D 206 -21.43 9.92 -3.49
CA VAL D 206 -22.81 10.36 -3.30
C VAL D 206 -23.77 9.37 -3.98
N ILE D 207 -24.82 8.99 -3.25
CA ILE D 207 -25.74 7.94 -3.66
C ILE D 207 -26.77 8.41 -4.70
N SER D 208 -26.99 7.60 -5.74
CA SER D 208 -27.94 7.94 -6.78
C SER D 208 -29.39 7.80 -6.29
N GLU D 209 -30.32 8.35 -7.05
CA GLU D 209 -31.75 8.17 -6.76
C GLU D 209 -32.13 6.70 -6.85
N THR D 210 -31.50 6.01 -7.80
CA THR D 210 -31.74 4.59 -8.03
C THR D 210 -31.37 3.75 -6.79
N GLY D 211 -30.17 3.99 -6.25
CA GLY D 211 -29.69 3.25 -5.10
C GLY D 211 -30.37 3.64 -3.81
N LYS D 212 -30.77 4.90 -3.71
CA LYS D 212 -31.45 5.41 -2.51
C LYS D 212 -32.80 4.73 -2.33
N ALA D 213 -33.51 4.52 -3.43
CA ALA D 213 -34.79 3.83 -3.40
C ALA D 213 -34.61 2.32 -3.26
N LYS D 214 -33.53 1.82 -3.85
CA LYS D 214 -33.24 0.38 -3.87
C LYS D 214 -32.79 -0.16 -2.51
N TYR D 215 -32.09 0.69 -1.75
CA TYR D 215 -31.61 0.30 -0.42
C TYR D 215 -32.39 0.97 0.70
N LYS D 216 -33.42 1.72 0.33
CA LYS D 216 -34.33 2.37 1.28
C LYS D 216 -34.91 1.36 2.27
N ALA D 217 -34.84 1.69 3.55
CA ALA D 217 -35.38 0.83 4.59
C ALA D 217 -36.88 0.55 4.38
#